data_7AJM
#
_entry.id   7AJM
#
_cell.length_a   58.570
_cell.length_b   84.977
_cell.length_c   152.309
_cell.angle_alpha   90.000
_cell.angle_beta   90.000
_cell.angle_gamma   90.000
#
_symmetry.space_group_name_H-M   'P 21 21 21'
#
loop_
_entity.id
_entity.type
_entity.pdbx_description
1 polymer 'Dual specificity tyrosine-phosphorylation-regulated kinase 1A'
2 non-polymer ~{N}-[6-azanyl-4-(1-benzofuran-5-yl)pyridin-2-yl]-2-(methylamino)ethanamide
3 non-polymer 'DIMETHYL SULFOXIDE'
4 water water
#
_entity_poly.entity_id   1
_entity_poly.type   'polypeptide(L)'
_entity_poly.pdbx_seq_one_letter_code
;MGSSHHHHHHSSGLVPRG(SEP)HMIVKNGEKWMDRYEIDSLIGKGSFGQVVKAYDRVEQEWVAIKIIKNKKAFLNQAQI
EVRLLELMNKHDTEMKYYIVHLKRHFMFRNHLCLVFEMLSYNLYDLLRNTNFRGVSLNLTRKFAQQMCTALLFLATPELS
IIHCDLKPENILLCNPKRSAIKIVDFGSSCQLGQRIYQ(PTR)IQSRFYRSPEVLLGMPYDLAIDMWSLGCILVEMHTGE
PLFSGANEVDQMNKIVEVLGIPPAHILDQAPKARKFFEKLPDGTWNLKKTKDGKREYKPPGTRKLHNILGVETGGPGGRR
AGESGHTVADYLKFKDLILRMLDYDPKTRIQPYYALQHSFFAA
;
_entity_poly.pdbx_strand_id   A,B
#
loop_
_chem_comp.id
_chem_comp.type
_chem_comp.name
_chem_comp.formula
DMS non-polymer 'DIMETHYL SULFOXIDE' 'C2 H6 O S'
RKW non-polymer ~{N}-[6-azanyl-4-(1-benzofuran-5-yl)pyridin-2-yl]-2-(methylamino)ethanamide 'C16 H16 N4 O2'
#
# COMPACT_ATOMS: atom_id res chain seq x y z
N VAL A 15 -10.29 0.25 -20.79
CA VAL A 15 -9.57 -0.29 -19.59
C VAL A 15 -9.26 0.85 -18.61
N PRO A 16 -9.77 0.80 -17.36
CA PRO A 16 -9.62 1.91 -16.41
C PRO A 16 -8.20 2.13 -15.87
N ARG A 17 -7.89 3.37 -15.47
CA ARG A 17 -6.54 3.84 -15.09
C ARG A 17 -6.31 3.65 -13.60
N GLY A 18 -7.28 4.04 -12.78
CA GLY A 18 -7.26 3.84 -11.31
C GLY A 18 -7.31 2.34 -10.98
N SEP A 19 -6.94 2.01 -9.75
CA SEP A 19 -6.95 0.63 -9.31
CB SEP A 19 -5.77 0.40 -8.36
OG SEP A 19 -5.90 1.32 -7.25
C SEP A 19 -8.30 0.30 -8.67
O SEP A 19 -8.61 -0.88 -8.47
P SEP A 19 -4.81 2.51 -7.03
O1P SEP A 19 -3.46 1.85 -6.83
O2P SEP A 19 -5.34 3.23 -5.80
O3P SEP A 19 -4.85 3.36 -8.28
N HIS A 20 -9.10 1.32 -8.33
CA HIS A 20 -10.35 1.12 -7.61
C HIS A 20 -11.48 0.88 -8.62
N MET A 21 -12.43 -0.01 -8.27
CA MET A 21 -13.68 -0.18 -9.04
C MET A 21 -14.56 1.04 -8.78
N ILE A 22 -15.14 1.62 -9.84
CA ILE A 22 -16.22 2.65 -9.75
C ILE A 22 -17.49 1.92 -9.27
N VAL A 23 -18.01 2.31 -8.10
CA VAL A 23 -19.23 1.67 -7.53
C VAL A 23 -20.25 2.77 -7.22
N LYS A 24 -21.36 2.76 -7.95
CA LYS A 24 -22.41 3.79 -7.86
C LYS A 24 -23.52 3.28 -6.94
N ASN A 25 -23.71 3.92 -5.80
CA ASN A 25 -24.88 3.65 -4.92
C ASN A 25 -26.15 3.61 -5.78
N GLY A 26 -26.93 2.54 -5.59
CA GLY A 26 -28.22 2.35 -6.26
C GLY A 26 -28.13 1.48 -7.49
N GLU A 27 -26.93 1.19 -8.00
CA GLU A 27 -26.76 0.33 -9.20
C GLU A 27 -26.95 -1.12 -8.75
N LYS A 28 -27.22 -1.99 -9.71
CA LYS A 28 -27.47 -3.43 -9.49
C LYS A 28 -26.47 -4.22 -10.33
N TRP A 29 -25.68 -5.09 -9.70
CA TRP A 29 -24.70 -5.97 -10.38
C TRP A 29 -25.38 -7.29 -10.76
N MET A 30 -25.24 -7.73 -12.01
CA MET A 30 -25.57 -9.12 -12.46
C MET A 30 -27.02 -9.45 -12.07
N ASP A 31 -27.89 -8.44 -12.13
CA ASP A 31 -29.34 -8.56 -11.75
CA ASP A 31 -29.33 -8.55 -11.74
C ASP A 31 -29.47 -9.28 -10.41
N ARG A 32 -28.56 -9.03 -9.47
CA ARG A 32 -28.51 -9.74 -8.17
C ARG A 32 -28.25 -8.78 -7.02
N TYR A 33 -27.15 -8.01 -7.06
CA TYR A 33 -26.62 -7.26 -5.90
C TYR A 33 -26.97 -5.78 -6.06
N GLU A 34 -27.84 -5.28 -5.19
CA GLU A 34 -28.30 -3.87 -5.18
C GLU A 34 -27.38 -3.09 -4.24
N ILE A 35 -26.50 -2.28 -4.80
CA ILE A 35 -25.47 -1.56 -4.02
C ILE A 35 -26.16 -0.45 -3.26
N ASP A 36 -26.05 -0.47 -1.93
CA ASP A 36 -26.73 0.48 -1.01
C ASP A 36 -25.76 1.62 -0.69
N SER A 37 -24.57 1.27 -0.22
CA SER A 37 -23.63 2.27 0.36
C SER A 37 -22.24 1.66 0.51
N LEU A 38 -21.25 2.54 0.65
CA LEU A 38 -19.87 2.24 1.05
C LEU A 38 -19.83 2.01 2.56
N ILE A 39 -19.27 0.89 3.00
CA ILE A 39 -19.07 0.57 4.44
C ILE A 39 -17.71 1.16 4.84
N GLY A 40 -16.71 1.00 3.98
CA GLY A 40 -15.35 1.46 4.26
C GLY A 40 -14.42 1.28 3.08
N LYS A 41 -13.43 2.13 2.99
CA LYS A 41 -12.34 2.07 2.00
C LYS A 41 -11.06 1.71 2.75
N GLY A 42 -10.09 1.13 2.05
CA GLY A 42 -8.78 0.73 2.61
C GLY A 42 -7.72 0.73 1.52
N SER A 43 -6.51 0.33 1.91
CA SER A 43 -5.36 0.07 1.01
C SER A 43 -5.73 -1.06 0.03
N PHE A 44 -6.51 -2.05 0.47
CA PHE A 44 -6.87 -3.27 -0.29
C PHE A 44 -7.89 -2.94 -1.38
N GLY A 45 -8.71 -1.91 -1.19
CA GLY A 45 -9.87 -1.58 -2.05
C GLY A 45 -11.03 -1.11 -1.21
N GLN A 46 -12.24 -1.62 -1.37
CA GLN A 46 -13.39 -1.12 -0.59
C GLN A 46 -14.31 -2.26 -0.15
N VAL A 47 -15.22 -1.95 0.76
CA VAL A 47 -16.29 -2.87 1.23
C VAL A 47 -17.61 -2.13 1.03
N VAL A 48 -18.54 -2.72 0.30
CA VAL A 48 -19.86 -2.09 0.03
C VAL A 48 -20.97 -2.96 0.63
N LYS A 49 -22.00 -2.31 1.16
CA LYS A 49 -23.25 -2.93 1.64
C LYS A 49 -24.16 -3.08 0.42
N ALA A 50 -24.65 -4.29 0.19
CA ALA A 50 -25.48 -4.65 -0.98
C ALA A 50 -26.55 -5.61 -0.53
N TYR A 51 -27.72 -5.52 -1.17
CA TYR A 51 -28.83 -6.49 -1.02
C TYR A 51 -28.70 -7.53 -2.13
N ASP A 52 -28.50 -8.80 -1.73
CA ASP A 52 -28.52 -9.98 -2.63
C ASP A 52 -29.99 -10.37 -2.83
N ARG A 53 -30.54 -10.04 -4.00
CA ARG A 53 -32.00 -10.13 -4.28
C ARG A 53 -32.34 -11.61 -4.49
N VAL A 54 -31.38 -12.43 -4.90
CA VAL A 54 -31.56 -13.89 -5.10
C VAL A 54 -31.78 -14.56 -3.74
N GLU A 55 -30.86 -14.37 -2.78
CA GLU A 55 -30.94 -15.01 -1.45
C GLU A 55 -31.84 -14.19 -0.50
N GLN A 56 -32.21 -12.97 -0.89
CA GLN A 56 -33.01 -12.02 -0.07
C GLN A 56 -32.29 -11.78 1.26
N GLU A 57 -31.08 -11.21 1.22
CA GLU A 57 -30.31 -10.88 2.45
C GLU A 57 -29.26 -9.80 2.18
N TRP A 58 -28.85 -9.09 3.21
CA TRP A 58 -27.73 -8.13 3.11
C TRP A 58 -26.42 -8.91 3.03
N VAL A 59 -25.44 -8.36 2.30
CA VAL A 59 -24.06 -8.90 2.16
C VAL A 59 -23.08 -7.73 2.22
N ALA A 60 -21.86 -7.99 2.69
CA ALA A 60 -20.76 -7.00 2.62
C ALA A 60 -19.87 -7.47 1.47
N ILE A 61 -19.76 -6.70 0.40
CA ILE A 61 -18.90 -7.15 -0.72
C ILE A 61 -17.56 -6.45 -0.56
N LYS A 62 -16.50 -7.25 -0.48
CA LYS A 62 -15.11 -6.77 -0.37
C LYS A 62 -14.56 -6.76 -1.79
N ILE A 63 -14.36 -5.56 -2.32
CA ILE A 63 -13.83 -5.34 -3.69
C ILE A 63 -12.33 -5.11 -3.59
N ILE A 64 -11.54 -6.02 -4.14
CA ILE A 64 -10.06 -5.91 -4.15
C ILE A 64 -9.66 -4.97 -5.27
N LYS A 65 -8.75 -4.02 -5.00
CA LYS A 65 -8.10 -3.21 -6.06
C LYS A 65 -7.49 -4.12 -7.14
N ASN A 66 -7.50 -3.66 -8.40
CA ASN A 66 -6.76 -4.27 -9.54
C ASN A 66 -5.29 -3.89 -9.39
N LYS A 67 -4.59 -4.55 -8.46
CA LYS A 67 -3.17 -4.35 -8.05
C LYS A 67 -2.65 -5.69 -7.59
N LYS A 68 -1.49 -6.12 -8.09
CA LYS A 68 -0.96 -7.51 -7.97
C LYS A 68 -0.79 -7.88 -6.49
N ALA A 69 -0.24 -6.98 -5.66
CA ALA A 69 0.05 -7.24 -4.24
C ALA A 69 -1.26 -7.56 -3.51
N PHE A 70 -2.28 -6.74 -3.77
CA PHE A 70 -3.60 -6.82 -3.09
C PHE A 70 -4.34 -8.05 -3.60
N LEU A 71 -4.28 -8.32 -4.90
CA LEU A 71 -4.87 -9.56 -5.44
C LEU A 71 -4.19 -10.78 -4.83
N ASN A 72 -2.86 -10.78 -4.68
CA ASN A 72 -2.14 -11.92 -4.04
C ASN A 72 -2.67 -12.10 -2.62
N GLN A 73 -2.75 -11.02 -1.86
CA GLN A 73 -3.22 -11.04 -0.45
C GLN A 73 -4.63 -11.64 -0.41
N ALA A 74 -5.48 -11.22 -1.36
CA ALA A 74 -6.91 -11.60 -1.40
C ALA A 74 -7.03 -13.08 -1.73
N GLN A 75 -6.17 -13.61 -2.59
CA GLN A 75 -6.23 -15.05 -2.97
C GLN A 75 -5.80 -15.88 -1.77
N ILE A 76 -4.86 -15.38 -0.96
CA ILE A 76 -4.44 -16.08 0.28
C ILE A 76 -5.62 -16.05 1.25
N GLU A 77 -6.28 -14.89 1.36
CA GLU A 77 -7.45 -14.73 2.28
C GLU A 77 -8.56 -15.68 1.81
N VAL A 78 -8.79 -15.81 0.50
CA VAL A 78 -9.82 -16.74 -0.04
C VAL A 78 -9.44 -18.19 0.33
N ARG A 79 -8.19 -18.59 0.12
CA ARG A 79 -7.71 -19.97 0.39
C ARG A 79 -7.93 -20.30 1.88
N LEU A 80 -7.50 -19.41 2.78
CA LEU A 80 -7.56 -19.63 4.25
C LEU A 80 -9.02 -19.66 4.71
N LEU A 81 -9.87 -18.78 4.17
CA LEU A 81 -11.30 -18.74 4.57
C LEU A 81 -11.99 -20.03 4.11
N GLU A 82 -11.71 -20.49 2.89
CA GLU A 82 -12.34 -21.72 2.33
C GLU A 82 -11.83 -22.93 3.13
N LEU A 83 -10.59 -22.88 3.58
CA LEU A 83 -10.00 -23.99 4.36
C LEU A 83 -10.73 -24.11 5.71
N MET A 84 -11.00 -22.96 6.34
CA MET A 84 -11.72 -22.88 7.64
C MET A 84 -13.18 -23.36 7.49
N ASN A 85 -13.76 -23.11 6.32
CA ASN A 85 -15.16 -23.44 5.93
C ASN A 85 -15.42 -24.94 6.03
N LYS A 86 -14.42 -25.79 5.80
CA LYS A 86 -14.61 -27.26 5.70
C LYS A 86 -14.57 -27.91 7.08
N HIS A 87 -14.30 -27.18 8.16
CA HIS A 87 -14.33 -27.75 9.53
C HIS A 87 -15.77 -27.73 10.06
N ASP A 88 -16.17 -28.74 10.85
CA ASP A 88 -17.56 -28.87 11.37
C ASP A 88 -17.79 -28.02 12.62
N THR A 89 -16.74 -27.81 13.44
CA THR A 89 -16.80 -27.20 14.80
C THR A 89 -17.60 -25.89 14.79
N GLU A 90 -18.35 -25.64 15.88
CA GLU A 90 -19.04 -24.36 16.15
C GLU A 90 -18.03 -23.20 16.28
N MET A 91 -16.78 -23.53 16.62
CA MET A 91 -15.68 -22.56 16.85
C MET A 91 -15.44 -21.74 15.58
N LYS A 92 -15.79 -22.26 14.40
CA LYS A 92 -15.52 -21.61 13.10
C LYS A 92 -16.41 -20.39 12.90
N TYR A 93 -17.50 -20.26 13.63
CA TYR A 93 -18.47 -19.17 13.39
C TYR A 93 -17.97 -17.88 14.05
N TYR A 94 -16.86 -17.92 14.82
CA TYR A 94 -16.17 -16.72 15.35
C TYR A 94 -15.35 -16.03 14.23
N ILE A 95 -15.23 -16.66 13.06
CA ILE A 95 -14.59 -16.11 11.83
C ILE A 95 -15.72 -15.67 10.87
N VAL A 96 -15.55 -14.54 10.18
CA VAL A 96 -16.52 -14.05 9.17
C VAL A 96 -16.67 -15.12 8.09
N HIS A 97 -17.90 -15.40 7.67
CA HIS A 97 -18.20 -16.45 6.66
C HIS A 97 -18.10 -15.83 5.27
N LEU A 98 -17.23 -16.37 4.42
CA LEU A 98 -17.17 -16.00 2.98
C LEU A 98 -18.23 -16.80 2.24
N LYS A 99 -19.24 -16.14 1.67
CA LYS A 99 -20.38 -16.79 1.00
C LYS A 99 -19.94 -17.30 -0.37
N ARG A 100 -19.27 -16.44 -1.13
CA ARG A 100 -18.78 -16.75 -2.48
C ARG A 100 -17.83 -15.66 -2.92
N HIS A 101 -17.19 -15.88 -4.05
CA HIS A 101 -16.30 -14.86 -4.68
C HIS A 101 -16.46 -14.98 -6.19
N PHE A 102 -16.23 -13.89 -6.90
CA PHE A 102 -16.29 -13.83 -8.36
C PHE A 102 -15.43 -12.66 -8.84
N MET A 103 -15.16 -12.66 -10.15
CA MET A 103 -14.54 -11.53 -10.88
C MET A 103 -15.67 -10.69 -11.46
N PHE A 104 -15.57 -9.36 -11.36
CA PHE A 104 -16.61 -8.41 -11.84
C PHE A 104 -15.93 -7.09 -12.15
N ARG A 105 -16.15 -6.58 -13.36
CA ARG A 105 -15.47 -5.39 -13.94
C ARG A 105 -13.97 -5.52 -13.72
N ASN A 106 -13.44 -6.74 -13.81
CA ASN A 106 -11.99 -7.02 -13.70
C ASN A 106 -11.46 -6.86 -12.26
N HIS A 107 -12.31 -6.95 -11.23
CA HIS A 107 -11.89 -7.02 -9.80
C HIS A 107 -12.32 -8.33 -9.16
N LEU A 108 -11.47 -8.86 -8.28
CA LEU A 108 -11.86 -9.97 -7.36
C LEU A 108 -12.82 -9.35 -6.34
N CYS A 109 -13.99 -9.96 -6.16
CA CYS A 109 -15.02 -9.56 -5.19
C CYS A 109 -15.27 -10.73 -4.24
N LEU A 110 -15.12 -10.51 -2.94
CA LEU A 110 -15.48 -11.49 -1.88
C LEU A 110 -16.81 -11.07 -1.24
N VAL A 111 -17.79 -11.95 -1.30
CA VAL A 111 -19.12 -11.69 -0.66
C VAL A 111 -19.12 -12.31 0.74
N PHE A 112 -19.29 -11.48 1.76
CA PHE A 112 -19.31 -11.93 3.17
C PHE A 112 -20.72 -11.73 3.74
N GLU A 113 -21.02 -12.44 4.82
CA GLU A 113 -22.25 -12.24 5.63
C GLU A 113 -22.23 -10.79 6.14
N MET A 114 -23.36 -10.11 6.17
CA MET A 114 -23.43 -8.72 6.69
C MET A 114 -23.16 -8.78 8.19
N LEU A 115 -22.27 -7.91 8.68
CA LEU A 115 -21.97 -7.82 10.13
C LEU A 115 -22.31 -6.39 10.56
N SER A 116 -22.20 -6.12 11.86
CA SER A 116 -22.45 -4.76 12.40
C SER A 116 -21.13 -3.99 12.45
N TYR A 117 -21.04 -2.99 13.33
CA TYR A 117 -19.84 -2.13 13.47
C TYR A 117 -18.75 -2.86 14.26
N ASN A 118 -17.55 -2.29 14.25
CA ASN A 118 -16.31 -2.93 14.77
C ASN A 118 -16.05 -2.44 16.21
N LEU A 119 -15.12 -3.06 16.93
CA LEU A 119 -14.91 -2.78 18.38
C LEU A 119 -14.32 -1.38 18.56
N TYR A 120 -13.65 -0.80 17.57
CA TYR A 120 -13.20 0.62 17.65
C TYR A 120 -14.42 1.55 17.64
N ASP A 121 -15.39 1.30 16.75
CA ASP A 121 -16.64 2.11 16.69
C ASP A 121 -17.34 1.99 18.05
N LEU A 122 -17.41 0.79 18.61
CA LEU A 122 -18.00 0.54 19.94
C LEU A 122 -17.29 1.41 20.98
N LEU A 123 -15.96 1.45 20.97
CA LEU A 123 -15.18 2.32 21.89
C LEU A 123 -15.57 3.79 21.69
N ARG A 124 -15.67 4.27 20.43
CA ARG A 124 -15.98 5.70 20.13
C ARG A 124 -17.36 6.04 20.71
N ASN A 125 -18.31 5.09 20.64
CA ASN A 125 -19.68 5.25 21.19
C ASN A 125 -19.66 5.32 22.73
N THR A 126 -18.58 4.91 23.41
CA THR A 126 -18.36 5.09 24.87
C THR A 126 -17.60 6.39 25.14
N ASN A 127 -17.30 7.19 24.11
CA ASN A 127 -16.41 8.37 24.24
CA ASN A 127 -16.39 8.37 24.20
C ASN A 127 -15.05 7.90 24.78
N PHE A 128 -14.63 6.68 24.41
CA PHE A 128 -13.34 6.06 24.78
C PHE A 128 -13.19 5.97 26.31
N ARG A 129 -14.29 5.65 26.99
CA ARG A 129 -14.31 5.41 28.46
C ARG A 129 -14.26 3.90 28.72
N GLY A 130 -14.55 3.11 27.69
CA GLY A 130 -14.42 1.65 27.77
C GLY A 130 -15.76 1.00 28.03
N VAL A 131 -15.87 -0.27 27.66
CA VAL A 131 -17.07 -1.12 27.90
C VAL A 131 -16.85 -1.79 29.25
N SER A 132 -17.89 -2.39 29.81
CA SER A 132 -17.87 -3.09 31.12
C SER A 132 -16.89 -4.28 31.07
N LEU A 133 -16.41 -4.67 32.24
CA LEU A 133 -15.54 -5.86 32.39
C LEU A 133 -16.37 -7.09 31.99
N ASN A 134 -17.69 -7.04 32.13
CA ASN A 134 -18.56 -8.18 31.79
C ASN A 134 -18.58 -8.34 30.27
N LEU A 135 -18.62 -7.23 29.52
CA LEU A 135 -18.64 -7.28 28.04
C LEU A 135 -17.23 -7.65 27.55
N THR A 136 -16.19 -7.10 28.19
CA THR A 136 -14.77 -7.43 27.91
C THR A 136 -14.55 -8.95 28.05
N ARG A 137 -15.09 -9.57 29.10
CA ARG A 137 -14.99 -11.03 29.34
C ARG A 137 -15.60 -11.80 28.17
N LYS A 138 -16.76 -11.34 27.67
CA LYS A 138 -17.51 -11.99 26.57
C LYS A 138 -16.66 -11.93 25.30
N PHE A 139 -16.06 -10.78 24.99
CA PHE A 139 -15.21 -10.60 23.80
C PHE A 139 -13.99 -11.51 23.96
N ALA A 140 -13.41 -11.52 25.16
CA ALA A 140 -12.20 -12.31 25.50
C ALA A 140 -12.46 -13.80 25.27
N GLN A 141 -13.61 -14.32 25.70
CA GLN A 141 -13.89 -15.78 25.59
C GLN A 141 -14.05 -16.15 24.12
N GLN A 142 -14.83 -15.38 23.36
CA GLN A 142 -15.04 -15.60 21.91
C GLN A 142 -13.71 -15.54 21.16
N MET A 143 -12.88 -14.52 21.44
CA MET A 143 -11.58 -14.33 20.74
C MET A 143 -10.62 -15.48 21.09
N CYS A 144 -10.59 -15.95 22.34
CA CYS A 144 -9.75 -17.10 22.76
C CYS A 144 -10.24 -18.37 22.04
N THR A 145 -11.55 -18.52 21.88
CA THR A 145 -12.17 -19.65 21.14
C THR A 145 -11.79 -19.57 19.66
N ALA A 146 -11.83 -18.38 19.06
CA ALA A 146 -11.45 -18.16 17.64
C ALA A 146 -9.96 -18.53 17.44
N LEU A 147 -9.10 -18.07 18.34
CA LEU A 147 -7.64 -18.33 18.23
C LEU A 147 -7.41 -19.83 18.42
N LEU A 148 -8.23 -20.50 19.21
CA LEU A 148 -8.13 -21.97 19.40
C LEU A 148 -8.42 -22.65 18.06
N PHE A 149 -9.40 -22.13 17.32
CA PHE A 149 -9.82 -22.64 16.00
C PHE A 149 -8.64 -22.47 15.02
N LEU A 150 -7.99 -21.30 15.01
CA LEU A 150 -6.90 -21.05 14.05
C LEU A 150 -5.72 -21.96 14.38
N ALA A 151 -5.57 -22.35 15.65
CA ALA A 151 -4.45 -23.20 16.14
C ALA A 151 -4.68 -24.68 15.78
N THR A 152 -5.87 -25.06 15.30
CA THR A 152 -6.10 -26.42 14.73
C THR A 152 -4.95 -26.75 13.80
N PRO A 153 -4.21 -27.87 13.99
CA PRO A 153 -2.96 -28.10 13.27
C PRO A 153 -3.11 -27.99 11.74
N GLU A 154 -4.21 -28.48 11.18
CA GLU A 154 -4.45 -28.50 9.71
C GLU A 154 -4.72 -27.05 9.24
N LEU A 155 -5.03 -26.14 10.16
CA LEU A 155 -5.13 -24.69 9.84
C LEU A 155 -3.81 -24.00 10.21
N SER A 156 -3.48 -23.91 11.50
CA SER A 156 -2.25 -23.25 12.01
C SER A 156 -2.14 -21.86 11.37
N ILE A 157 -3.22 -21.09 11.40
CA ILE A 157 -3.30 -19.75 10.77
C ILE A 157 -2.91 -18.69 11.80
N ILE A 158 -1.94 -17.84 11.44
CA ILE A 158 -1.58 -16.59 12.19
C ILE A 158 -2.32 -15.45 11.49
N HIS A 159 -3.24 -14.79 12.20
CA HIS A 159 -4.04 -13.66 11.65
C HIS A 159 -3.08 -12.53 11.24
N CYS A 160 -2.16 -12.17 12.14
CA CYS A 160 -1.07 -11.16 11.97
C CYS A 160 -1.60 -9.73 11.90
N ASP A 161 -2.90 -9.47 12.13
CA ASP A 161 -3.39 -8.07 12.11
C ASP A 161 -4.60 -7.94 13.01
N LEU A 162 -4.58 -8.53 14.19
CA LEU A 162 -5.70 -8.40 15.16
C LEU A 162 -5.62 -6.99 15.73
N LYS A 163 -6.76 -6.32 15.72
CA LYS A 163 -7.00 -4.96 16.27
C LYS A 163 -8.49 -4.73 16.39
N PRO A 164 -8.93 -3.75 17.21
CA PRO A 164 -10.35 -3.48 17.40
C PRO A 164 -11.09 -3.38 16.05
N GLU A 165 -10.47 -2.79 15.03
CA GLU A 165 -11.11 -2.55 13.70
C GLU A 165 -11.32 -3.85 12.95
N ASN A 166 -10.59 -4.93 13.24
CA ASN A 166 -10.75 -6.21 12.50
C ASN A 166 -11.60 -7.19 13.33
N ILE A 167 -12.27 -6.73 14.38
CA ILE A 167 -13.22 -7.54 15.20
C ILE A 167 -14.58 -6.84 15.14
N LEU A 168 -15.63 -7.50 14.66
CA LEU A 168 -16.93 -6.83 14.38
C LEU A 168 -18.04 -7.50 15.21
N LEU A 169 -18.97 -6.72 15.73
CA LEU A 169 -20.24 -7.25 16.28
C LEU A 169 -21.06 -7.85 15.13
N CYS A 170 -21.74 -8.96 15.38
CA CYS A 170 -22.71 -9.56 14.45
C CYS A 170 -23.95 -8.66 14.38
N ASN A 171 -24.40 -8.15 15.53
CA ASN A 171 -25.69 -7.46 15.75
C ASN A 171 -25.40 -6.30 16.69
N PRO A 172 -25.93 -5.09 16.41
CA PRO A 172 -25.56 -3.92 17.21
C PRO A 172 -26.02 -4.00 18.67
N LYS A 173 -26.99 -4.84 18.99
CA LYS A 173 -27.56 -4.89 20.37
C LYS A 173 -27.02 -6.11 21.13
N ARG A 174 -26.04 -6.82 20.58
CA ARG A 174 -25.57 -8.09 21.20
C ARG A 174 -24.04 -8.16 21.17
N SER A 175 -23.50 -9.15 21.88
CA SER A 175 -22.06 -9.28 22.23
C SER A 175 -21.35 -10.25 21.28
N ALA A 176 -22.07 -10.98 20.42
CA ALA A 176 -21.46 -11.91 19.45
C ALA A 176 -20.52 -11.13 18.54
N ILE A 177 -19.29 -11.63 18.36
CA ILE A 177 -18.27 -10.96 17.52
C ILE A 177 -17.70 -11.95 16.52
N LYS A 178 -17.05 -11.43 15.49
CA LYS A 178 -16.38 -12.23 14.45
C LYS A 178 -15.09 -11.50 14.06
N ILE A 179 -14.08 -12.27 13.66
CA ILE A 179 -12.78 -11.74 13.17
C ILE A 179 -12.89 -11.59 11.66
N VAL A 180 -12.52 -10.43 11.12
CA VAL A 180 -12.45 -10.26 9.65
C VAL A 180 -10.99 -10.05 9.27
N ASP A 181 -10.72 -10.12 7.97
CA ASP A 181 -9.46 -9.72 7.28
C ASP A 181 -8.31 -10.69 7.55
N PHE A 182 -8.12 -11.65 6.64
CA PHE A 182 -7.01 -12.62 6.67
C PHE A 182 -6.06 -12.29 5.52
N GLY A 183 -6.05 -11.02 5.10
CA GLY A 183 -5.26 -10.57 3.93
C GLY A 183 -3.77 -10.48 4.24
N SER A 184 -3.40 -10.25 5.49
CA SER A 184 -1.99 -10.29 5.94
C SER A 184 -1.66 -11.64 6.60
N SER A 185 -2.57 -12.61 6.59
CA SER A 185 -2.42 -13.86 7.37
C SER A 185 -1.43 -14.78 6.69
N CYS A 186 -0.87 -15.72 7.46
CA CYS A 186 0.03 -16.78 6.95
C CYS A 186 -0.16 -18.01 7.83
N GLN A 187 0.54 -19.09 7.56
CA GLN A 187 0.42 -20.32 8.38
C GLN A 187 1.74 -20.50 9.14
N LEU A 188 1.68 -21.27 10.24
CA LEU A 188 2.86 -21.59 11.06
C LEU A 188 4.06 -21.88 10.15
N GLY A 189 5.17 -21.20 10.40
CA GLY A 189 6.45 -21.43 9.70
C GLY A 189 6.66 -20.51 8.51
N GLN A 190 5.69 -19.68 8.14
CA GLN A 190 5.85 -18.82 6.95
C GLN A 190 6.37 -17.44 7.37
N ARG A 191 7.15 -16.81 6.51
CA ARG A 191 7.54 -15.40 6.63
C ARG A 191 7.32 -14.76 5.28
N ILE A 192 6.26 -13.96 5.12
CA ILE A 192 5.87 -13.41 3.79
C ILE A 192 6.14 -11.91 3.73
N TYR A 193 5.75 -11.16 4.75
CA TYR A 193 5.68 -9.67 4.68
C TYR A 193 6.75 -9.08 5.60
N GLN A 194 7.46 -8.09 5.07
CA GLN A 194 8.55 -7.39 5.78
C GLN A 194 8.05 -6.95 7.16
N PTR A 195 6.92 -6.22 7.19
CA PTR A 195 6.36 -5.75 8.45
C PTR A 195 4.97 -6.38 8.67
O PTR A 195 4.14 -6.37 7.75
CB PTR A 195 6.30 -4.22 8.47
CG PTR A 195 7.63 -3.52 8.40
CD1 PTR A 195 8.14 -3.04 7.21
CD2 PTR A 195 8.37 -3.29 9.56
CE1 PTR A 195 9.36 -2.38 7.14
CE2 PTR A 195 9.59 -2.63 9.53
CZ PTR A 195 10.08 -2.19 8.32
OH PTR A 195 11.31 -1.49 8.30
P PTR A 195 12.68 -1.89 9.02
O1P PTR A 195 12.44 -1.96 10.50
O2P PTR A 195 13.73 -0.84 8.72
O3P PTR A 195 13.10 -3.24 8.48
N ILE A 196 4.70 -6.86 9.90
CA ILE A 196 3.41 -7.44 10.24
C ILE A 196 2.94 -6.92 11.61
N GLN A 197 1.61 -6.96 11.78
CA GLN A 197 0.79 -6.51 12.93
C GLN A 197 0.67 -4.99 12.86
N SER A 198 -0.48 -4.45 13.22
CA SER A 198 -0.64 -2.99 13.50
C SER A 198 0.24 -2.62 14.68
N ARG A 199 0.87 -1.46 14.61
CA ARG A 199 1.94 -1.02 15.54
C ARG A 199 1.51 -1.22 17.00
N PHE A 200 0.33 -0.75 17.39
CA PHE A 200 -0.09 -0.75 18.82
C PHE A 200 -0.17 -2.19 19.34
N TYR A 201 -0.43 -3.12 18.43
CA TYR A 201 -0.80 -4.53 18.73
C TYR A 201 0.37 -5.43 18.35
N ARG A 202 1.52 -4.86 18.01
CA ARG A 202 2.71 -5.58 17.49
C ARG A 202 3.49 -6.18 18.65
N SER A 203 3.74 -7.48 18.55
CA SER A 203 4.37 -8.32 19.59
C SER A 203 5.85 -7.96 19.70
N PRO A 204 6.46 -8.20 20.87
CA PRO A 204 7.90 -8.03 21.00
C PRO A 204 8.73 -8.86 20.00
N GLU A 205 8.31 -10.10 19.73
CA GLU A 205 9.14 -11.00 18.88
C GLU A 205 9.22 -10.36 17.49
N VAL A 206 8.14 -9.74 17.00
CA VAL A 206 8.10 -9.09 15.66
C VAL A 206 8.93 -7.80 15.69
N LEU A 207 8.77 -6.94 16.71
CA LEU A 207 9.64 -5.75 16.88
C LEU A 207 11.12 -6.17 16.90
N LEU A 208 11.46 -7.31 17.51
CA LEU A 208 12.88 -7.72 17.71
C LEU A 208 13.40 -8.53 16.51
N GLY A 209 12.60 -8.69 15.44
CA GLY A 209 12.97 -9.40 14.21
C GLY A 209 13.14 -10.88 14.46
N MET A 210 12.46 -11.43 15.46
CA MET A 210 12.60 -12.85 15.84
C MET A 210 11.58 -13.69 15.11
N PRO A 211 11.72 -15.04 15.10
CA PRO A 211 10.69 -15.92 14.54
C PRO A 211 9.36 -15.70 15.25
N TYR A 212 8.26 -15.92 14.53
CA TYR A 212 6.90 -15.67 15.05
C TYR A 212 6.01 -16.88 14.73
N ASP A 213 5.09 -17.16 15.65
CA ASP A 213 4.11 -18.26 15.52
C ASP A 213 2.76 -17.70 15.96
N LEU A 214 1.82 -18.58 16.33
CA LEU A 214 0.42 -18.17 16.63
C LEU A 214 0.38 -17.29 17.89
N ALA A 215 1.42 -17.34 18.73
CA ALA A 215 1.46 -16.56 19.98
C ALA A 215 1.37 -15.06 19.71
N ILE A 216 1.74 -14.55 18.53
CA ILE A 216 1.72 -13.08 18.26
C ILE A 216 0.27 -12.59 18.28
N ASP A 217 -0.68 -13.44 17.88
CA ASP A 217 -2.11 -13.09 17.90
C ASP A 217 -2.60 -12.97 19.34
N MET A 218 -2.06 -13.76 20.27
CA MET A 218 -2.45 -13.69 21.70
C MET A 218 -1.92 -12.38 22.32
N TRP A 219 -0.71 -11.98 21.97
CA TRP A 219 -0.17 -10.65 22.37
C TRP A 219 -1.17 -9.56 21.94
N SER A 220 -1.57 -9.54 20.68
CA SER A 220 -2.50 -8.53 20.11
C SER A 220 -3.80 -8.53 20.92
N LEU A 221 -4.32 -9.73 21.23
CA LEU A 221 -5.58 -9.89 22.00
C LEU A 221 -5.42 -9.28 23.39
N GLY A 222 -4.30 -9.54 24.06
CA GLY A 222 -4.06 -8.96 25.40
C GLY A 222 -4.15 -7.44 25.34
N CYS A 223 -3.52 -6.79 24.35
CA CYS A 223 -3.50 -5.32 24.19
C CYS A 223 -4.92 -4.82 23.94
N ILE A 224 -5.66 -5.56 23.13
CA ILE A 224 -7.03 -5.18 22.67
C ILE A 224 -7.95 -5.20 23.87
N LEU A 225 -7.90 -6.26 24.68
CA LEU A 225 -8.84 -6.46 25.82
C LEU A 225 -8.61 -5.34 26.86
N VAL A 226 -7.37 -4.95 27.14
CA VAL A 226 -7.14 -3.81 28.07
C VAL A 226 -7.79 -2.53 27.49
N GLU A 227 -7.61 -2.31 26.18
CA GLU A 227 -8.14 -1.12 25.49
C GLU A 227 -9.68 -1.12 25.52
N MET A 228 -10.30 -2.28 25.38
CA MET A 228 -11.78 -2.37 25.36
C MET A 228 -12.33 -1.93 26.71
N HIS A 229 -11.63 -2.20 27.82
CA HIS A 229 -12.11 -1.83 29.16
C HIS A 229 -11.68 -0.39 29.57
N THR A 230 -10.50 0.07 29.16
CA THR A 230 -9.98 1.43 29.53
C THR A 230 -10.43 2.49 28.53
N GLY A 231 -10.71 2.11 27.29
CA GLY A 231 -11.07 3.00 26.17
C GLY A 231 -9.86 3.50 25.39
N GLU A 232 -8.64 3.18 25.82
CA GLU A 232 -7.39 3.71 25.24
C GLU A 232 -6.41 2.58 24.93
N PRO A 233 -5.56 2.73 23.89
CA PRO A 233 -4.58 1.71 23.55
C PRO A 233 -3.60 1.54 24.71
N LEU A 234 -3.28 0.29 25.05
CA LEU A 234 -2.34 -0.03 26.16
C LEU A 234 -0.97 0.56 25.80
N PHE A 235 -0.53 0.31 24.55
CA PHE A 235 0.80 0.68 24.02
C PHE A 235 0.65 1.44 22.70
N SER A 236 0.58 2.78 22.76
CA SER A 236 0.33 3.66 21.60
C SER A 236 1.66 4.26 21.08
N GLY A 237 2.51 3.43 20.50
CA GLY A 237 3.79 3.89 19.91
C GLY A 237 3.59 4.73 18.64
N ALA A 238 4.32 5.83 18.53
CA ALA A 238 4.40 6.68 17.30
C ALA A 238 5.24 5.97 16.24
N ASN A 239 6.13 5.07 16.67
CA ASN A 239 7.09 4.35 15.80
C ASN A 239 7.57 3.15 16.58
N GLU A 240 8.42 2.30 16.00
CA GLU A 240 8.75 0.99 16.58
C GLU A 240 9.54 1.20 17.88
N VAL A 241 10.40 2.20 17.93
CA VAL A 241 11.25 2.46 19.14
C VAL A 241 10.35 2.91 20.28
N ASP A 242 9.43 3.83 20.00
CA ASP A 242 8.43 4.35 20.98
C ASP A 242 7.54 3.17 21.42
N GLN A 243 7.12 2.34 20.46
CA GLN A 243 6.26 1.16 20.74
C GLN A 243 6.96 0.32 21.80
N MET A 244 8.23 -0.04 21.57
CA MET A 244 8.97 -0.97 22.47
C MET A 244 9.12 -0.30 23.83
N ASN A 245 9.47 0.99 23.84
CA ASN A 245 9.66 1.78 25.09
C ASN A 245 8.37 1.80 25.92
N LYS A 246 7.21 1.94 25.28
CA LYS A 246 5.93 1.96 26.03
C LYS A 246 5.63 0.55 26.56
N ILE A 247 6.03 -0.49 25.82
CA ILE A 247 5.89 -1.89 26.33
C ILE A 247 6.76 -2.03 27.57
N VAL A 248 7.99 -1.55 27.50
CA VAL A 248 8.98 -1.67 28.60
C VAL A 248 8.47 -0.91 29.84
N GLU A 249 7.78 0.21 29.66
CA GLU A 249 7.23 1.01 30.80
C GLU A 249 6.38 0.11 31.69
N VAL A 250 5.61 -0.78 31.07
CA VAL A 250 4.63 -1.65 31.77
C VAL A 250 5.28 -2.96 32.19
N LEU A 251 6.11 -3.54 31.34
CA LEU A 251 6.47 -4.99 31.45
C LEU A 251 7.95 -5.16 31.78
N GLY A 252 8.72 -4.07 31.76
CA GLY A 252 10.16 -4.04 32.09
C GLY A 252 11.04 -4.44 30.92
N ILE A 253 12.35 -4.52 31.15
CA ILE A 253 13.34 -4.95 30.13
C ILE A 253 13.02 -6.40 29.80
N PRO A 254 12.95 -6.79 28.51
CA PRO A 254 12.72 -8.19 28.14
C PRO A 254 13.78 -9.11 28.72
N PRO A 255 13.49 -10.42 28.88
CA PRO A 255 14.48 -11.38 29.37
C PRO A 255 15.73 -11.43 28.49
N ALA A 256 16.90 -11.58 29.12
CA ALA A 256 18.23 -11.67 28.47
C ALA A 256 18.24 -12.79 27.43
N HIS A 257 17.63 -13.94 27.72
CA HIS A 257 17.68 -15.12 26.83
C HIS A 257 17.00 -14.80 25.50
N ILE A 258 16.00 -13.90 25.50
CA ILE A 258 15.32 -13.39 24.29
C ILE A 258 16.24 -12.38 23.60
N LEU A 259 16.68 -11.35 24.32
CA LEU A 259 17.41 -10.23 23.70
C LEU A 259 18.73 -10.74 23.09
N ASP A 260 19.37 -11.71 23.75
CA ASP A 260 20.65 -12.33 23.30
C ASP A 260 20.44 -13.03 21.94
N GLN A 261 19.22 -13.40 21.55
CA GLN A 261 18.95 -14.16 20.29
C GLN A 261 18.31 -13.25 19.24
N ALA A 262 18.03 -11.99 19.57
CA ALA A 262 17.17 -11.10 18.76
C ALA A 262 18.04 -10.36 17.76
N PRO A 263 17.80 -10.55 16.44
CA PRO A 263 18.50 -9.78 15.43
C PRO A 263 18.41 -8.27 15.64
N LYS A 264 17.30 -7.78 16.17
CA LYS A 264 17.09 -6.30 16.27
C LYS A 264 17.12 -5.84 17.74
N ALA A 265 17.79 -6.59 18.62
CA ALA A 265 17.94 -6.20 20.05
C ALA A 265 18.51 -4.77 20.12
N ARG A 266 19.51 -4.46 19.28
CA ARG A 266 20.31 -3.20 19.40
C ARG A 266 19.54 -2.02 18.81
N LYS A 267 18.41 -2.24 18.16
CA LYS A 267 17.49 -1.14 17.75
C LYS A 267 16.87 -0.46 18.99
N PHE A 268 16.72 -1.16 20.11
CA PHE A 268 15.98 -0.67 21.30
C PHE A 268 16.83 -0.74 22.58
N PHE A 269 17.79 -1.68 22.65
CA PHE A 269 18.51 -2.04 23.89
C PHE A 269 20.02 -2.05 23.67
N GLU A 270 20.81 -2.00 24.74
CA GLU A 270 22.27 -2.22 24.69
C GLU A 270 22.70 -3.18 25.81
N LYS A 271 23.62 -4.06 25.45
CA LYS A 271 24.24 -5.05 26.35
C LYS A 271 25.34 -4.34 27.11
N LEU A 272 25.33 -4.41 28.44
CA LEU A 272 26.38 -3.77 29.27
C LEU A 272 27.51 -4.78 29.45
N PRO A 273 28.68 -4.38 29.97
CA PRO A 273 29.80 -5.32 30.17
C PRO A 273 29.46 -6.54 31.03
N ASP A 274 28.52 -6.44 31.98
CA ASP A 274 28.11 -7.57 32.88
C ASP A 274 27.23 -8.57 32.14
N GLY A 275 26.77 -8.23 30.94
CA GLY A 275 25.89 -9.09 30.12
C GLY A 275 24.42 -8.77 30.35
N THR A 276 24.14 -7.71 31.10
CA THR A 276 22.75 -7.26 31.40
C THR A 276 22.34 -6.21 30.37
N TRP A 277 21.06 -6.17 30.05
CA TRP A 277 20.50 -5.29 29.00
C TRP A 277 19.82 -4.11 29.68
N ASN A 278 20.06 -2.91 29.17
CA ASN A 278 19.29 -1.68 29.49
C ASN A 278 18.69 -1.15 28.18
N LEU A 279 17.85 -0.13 28.31
CA LEU A 279 17.36 0.69 27.18
C LEU A 279 18.52 1.39 26.50
N LYS A 280 18.49 1.43 25.18
CA LYS A 280 19.34 2.29 24.32
C LYS A 280 19.07 3.76 24.69
N LYS A 281 20.13 4.57 24.75
CA LYS A 281 20.08 6.06 24.90
C LYS A 281 19.16 6.64 23.82
N THR A 282 18.39 7.69 24.09
CA THR A 282 17.68 8.47 23.03
C THR A 282 18.69 9.36 22.31
N LYS A 283 18.33 9.86 21.12
CA LYS A 283 19.14 10.88 20.39
C LYS A 283 19.28 12.14 21.27
N ASP A 284 18.21 12.54 21.96
CA ASP A 284 18.10 13.69 22.90
C ASP A 284 17.78 14.95 22.09
N GLU A 288 12.43 10.67 29.42
CA GLU A 288 11.10 10.92 28.78
C GLU A 288 10.08 9.81 29.12
N TYR A 289 10.53 8.55 29.28
CA TYR A 289 9.66 7.39 29.65
C TYR A 289 9.70 7.14 31.16
N LYS A 290 8.61 6.61 31.71
CA LYS A 290 8.60 6.11 33.11
C LYS A 290 9.64 5.00 33.18
N PRO A 291 10.35 4.81 34.29
CA PRO A 291 11.32 3.71 34.36
C PRO A 291 10.73 2.34 34.01
N PRO A 292 11.56 1.41 33.52
CA PRO A 292 11.11 0.05 33.20
C PRO A 292 10.27 -0.63 34.29
N GLY A 293 9.07 -1.10 33.95
CA GLY A 293 8.20 -1.90 34.84
C GLY A 293 7.40 -1.07 35.83
N THR A 294 7.46 0.26 35.79
CA THR A 294 6.88 1.14 36.84
C THR A 294 5.48 1.61 36.47
N ARG A 295 5.06 1.42 35.21
CA ARG A 295 3.68 1.69 34.74
C ARG A 295 2.87 0.39 34.86
N LYS A 296 2.53 0.04 36.09
CA LYS A 296 1.94 -1.26 36.50
C LYS A 296 0.57 -1.46 35.85
N LEU A 297 0.30 -2.65 35.32
CA LEU A 297 -1.03 -2.94 34.74
C LEU A 297 -2.08 -2.92 35.84
N HIS A 298 -1.69 -3.23 37.08
CA HIS A 298 -2.56 -3.23 38.29
CA HIS A 298 -2.63 -3.25 38.23
C HIS A 298 -3.21 -1.84 38.44
N ASN A 299 -2.47 -0.79 38.10
CA ASN A 299 -2.95 0.61 38.23
C ASN A 299 -3.60 1.08 36.93
N ILE A 300 -3.16 0.63 35.77
CA ILE A 300 -3.81 1.00 34.48
C ILE A 300 -5.28 0.56 34.55
N LEU A 301 -5.51 -0.66 35.03
CA LEU A 301 -6.86 -1.25 35.18
C LEU A 301 -7.57 -0.69 36.41
N GLY A 302 -6.84 -0.18 37.41
CA GLY A 302 -7.42 0.35 38.65
C GLY A 302 -8.08 -0.77 39.44
N VAL A 303 -7.33 -1.84 39.64
CA VAL A 303 -7.77 -3.09 40.34
C VAL A 303 -8.35 -2.74 41.71
N GLU A 304 -7.63 -1.93 42.49
CA GLU A 304 -8.03 -1.60 43.90
C GLU A 304 -8.74 -0.24 43.95
N THR A 305 -8.93 0.44 42.83
CA THR A 305 -9.27 1.89 42.84
C THR A 305 -10.46 2.18 41.94
N GLY A 306 -11.37 1.23 41.81
CA GLY A 306 -12.66 1.44 41.09
C GLY A 306 -12.50 1.38 39.58
N GLY A 307 -11.49 0.64 39.12
CA GLY A 307 -11.33 0.37 37.67
C GLY A 307 -10.78 1.60 36.96
N PRO A 308 -10.83 1.60 35.62
CA PRO A 308 -10.26 2.70 34.85
C PRO A 308 -10.85 4.06 35.26
N GLY A 309 -9.98 4.99 35.70
CA GLY A 309 -10.30 6.34 36.22
C GLY A 309 -11.24 6.33 37.43
N GLY A 310 -11.42 5.17 38.10
CA GLY A 310 -12.38 4.98 39.20
C GLY A 310 -13.83 4.99 38.76
N ARG A 311 -14.11 5.00 37.47
CA ARG A 311 -15.50 5.12 36.94
C ARG A 311 -16.31 3.85 37.22
N ARG A 312 -15.68 2.73 37.61
CA ARG A 312 -16.43 1.45 37.83
C ARG A 312 -16.75 1.17 39.30
N ALA A 313 -16.27 1.97 40.25
CA ALA A 313 -16.61 1.80 41.70
C ALA A 313 -18.13 1.96 41.83
N GLY A 314 -18.82 1.10 42.57
CA GLY A 314 -20.28 1.26 42.74
C GLY A 314 -21.07 0.89 41.48
N GLU A 315 -20.48 0.10 40.58
CA GLU A 315 -21.18 -0.84 39.65
C GLU A 315 -20.91 -2.27 40.10
N SER A 316 -21.79 -3.22 39.77
CA SER A 316 -21.55 -4.67 39.99
C SER A 316 -20.64 -5.20 38.86
N GLY A 317 -20.15 -6.42 38.98
CA GLY A 317 -19.30 -7.09 37.98
C GLY A 317 -17.91 -6.46 37.84
N HIS A 318 -17.44 -5.73 38.87
CA HIS A 318 -16.19 -4.94 38.84
C HIS A 318 -15.51 -4.99 40.21
N THR A 319 -15.54 -6.16 40.85
CA THR A 319 -14.92 -6.38 42.18
C THR A 319 -13.41 -6.51 41.98
N VAL A 320 -12.66 -6.25 43.05
CA VAL A 320 -11.20 -6.48 43.13
C VAL A 320 -10.91 -7.91 42.63
N ALA A 321 -11.69 -8.89 43.05
CA ALA A 321 -11.51 -10.32 42.70
C ALA A 321 -11.60 -10.45 41.17
N ASP A 322 -12.63 -9.86 40.57
CA ASP A 322 -12.83 -9.84 39.10
C ASP A 322 -11.61 -9.20 38.42
N TYR A 323 -11.14 -8.04 38.90
CA TYR A 323 -10.04 -7.28 38.26
C TYR A 323 -8.74 -8.09 38.36
N LEU A 324 -8.48 -8.73 39.50
CA LEU A 324 -7.24 -9.51 39.69
C LEU A 324 -7.19 -10.65 38.68
N LYS A 325 -8.29 -11.39 38.53
CA LYS A 325 -8.37 -12.46 37.48
C LYS A 325 -8.13 -11.86 36.10
N PHE A 326 -8.66 -10.68 35.79
CA PHE A 326 -8.55 -10.08 34.44
C PHE A 326 -7.09 -9.72 34.19
N LYS A 327 -6.48 -9.07 35.16
CA LYS A 327 -5.07 -8.62 35.09
C LYS A 327 -4.17 -9.86 34.94
N ASP A 328 -4.39 -10.90 35.74
CA ASP A 328 -3.56 -12.13 35.71
C ASP A 328 -3.62 -12.72 34.30
N LEU A 329 -4.80 -12.82 33.70
CA LEU A 329 -4.95 -13.37 32.33
C LEU A 329 -4.21 -12.47 31.33
N ILE A 330 -4.39 -11.16 31.42
CA ILE A 330 -3.76 -10.18 30.50
C ILE A 330 -2.24 -10.36 30.55
N LEU A 331 -1.66 -10.46 31.75
CA LEU A 331 -0.20 -10.52 31.92
C LEU A 331 0.32 -11.86 31.39
N ARG A 332 -0.48 -12.93 31.46
CA ARG A 332 -0.14 -14.23 30.81
C ARG A 332 -0.18 -14.06 29.27
N MET A 333 -1.12 -13.25 28.75
CA MET A 333 -1.21 -12.95 27.29
C MET A 333 -0.04 -12.04 26.87
N LEU A 334 0.52 -11.22 27.80
CA LEU A 334 1.59 -10.22 27.50
C LEU A 334 2.96 -10.74 27.99
N ASP A 335 3.10 -12.05 28.19
CA ASP A 335 4.39 -12.70 28.44
C ASP A 335 5.33 -12.35 27.28
N TYR A 336 6.53 -11.87 27.60
CA TYR A 336 7.60 -11.57 26.61
C TYR A 336 7.99 -12.85 25.88
N ASP A 337 7.96 -14.00 26.54
CA ASP A 337 8.45 -15.27 25.95
C ASP A 337 7.34 -15.97 25.17
N PRO A 338 7.39 -16.01 23.82
CA PRO A 338 6.35 -16.66 23.03
C PRO A 338 6.15 -18.15 23.34
N LYS A 339 7.13 -18.81 23.94
CA LYS A 339 7.04 -20.25 24.31
C LYS A 339 6.20 -20.44 25.57
N THR A 340 6.18 -19.45 26.48
CA THR A 340 5.45 -19.57 27.77
C THR A 340 4.19 -18.70 27.80
N ARG A 341 4.02 -17.76 26.86
CA ARG A 341 2.79 -16.94 26.73
C ARG A 341 1.60 -17.90 26.71
N ILE A 342 0.52 -17.55 27.43
CA ILE A 342 -0.68 -18.43 27.50
C ILE A 342 -1.20 -18.70 26.07
N GLN A 343 -1.63 -19.94 25.84
CA GLN A 343 -2.19 -20.40 24.54
C GLN A 343 -3.71 -20.41 24.70
N PRO A 344 -4.47 -20.32 23.59
CA PRO A 344 -5.93 -20.22 23.65
C PRO A 344 -6.58 -21.32 24.50
N TYR A 345 -6.10 -22.54 24.34
CA TYR A 345 -6.59 -23.75 25.04
C TYR A 345 -6.53 -23.50 26.55
N TYR A 346 -5.44 -22.92 27.05
CA TYR A 346 -5.26 -22.69 28.51
C TYR A 346 -5.98 -21.41 28.94
N ALA A 347 -5.98 -20.38 28.08
CA ALA A 347 -6.64 -19.10 28.40
C ALA A 347 -8.13 -19.35 28.71
N LEU A 348 -8.79 -20.25 27.98
CA LEU A 348 -10.24 -20.54 28.14
C LEU A 348 -10.51 -21.18 29.49
N GLN A 349 -9.52 -21.83 30.09
CA GLN A 349 -9.66 -22.52 31.40
C GLN A 349 -9.41 -21.55 32.55
N HIS A 350 -9.11 -20.29 32.25
CA HIS A 350 -8.69 -19.29 33.26
C HIS A 350 -9.90 -18.96 34.13
N SER A 351 -9.65 -18.68 35.42
CA SER A 351 -10.74 -18.41 36.41
C SER A 351 -11.53 -17.16 36.00
N PHE A 352 -10.96 -16.28 35.18
CA PHE A 352 -11.65 -15.09 34.62
C PHE A 352 -12.93 -15.53 33.89
N PHE A 353 -12.96 -16.75 33.36
CA PHE A 353 -14.09 -17.29 32.56
C PHE A 353 -14.95 -18.27 33.38
N ALA A 354 -14.67 -18.44 34.67
CA ALA A 354 -15.28 -19.51 35.50
C ALA A 354 -16.80 -19.45 35.40
N PRO B 16 -4.03 8.67 17.27
CA PRO B 16 -4.12 8.51 15.81
C PRO B 16 -4.26 7.03 15.40
N ARG B 17 -5.38 6.67 14.77
CA ARG B 17 -5.66 5.29 14.26
C ARG B 17 -5.15 5.18 12.83
N GLY B 18 -5.59 6.11 11.99
CA GLY B 18 -5.35 6.12 10.53
C GLY B 18 -3.86 6.18 10.23
N SEP B 19 -3.49 5.65 9.06
CA SEP B 19 -2.14 5.81 8.57
CB SEP B 19 -1.79 4.68 7.64
OG SEP B 19 -2.84 4.55 6.66
C SEP B 19 -1.99 7.18 7.91
O SEP B 19 -0.87 7.66 7.74
P SEP B 19 -3.48 3.09 6.41
O1P SEP B 19 -4.04 2.61 7.75
O2P SEP B 19 -4.56 3.34 5.36
O3P SEP B 19 -2.33 2.21 5.92
N HIS B 20 -3.12 7.84 7.59
CA HIS B 20 -3.12 9.15 6.97
C HIS B 20 -3.29 10.25 8.02
N MET B 21 -2.59 11.35 7.81
CA MET B 21 -2.78 12.61 8.59
C MET B 21 -4.18 13.17 8.28
N ILE B 22 -4.92 13.57 9.34
CA ILE B 22 -6.18 14.37 9.21
C ILE B 22 -5.75 15.78 8.78
N VAL B 23 -6.20 16.24 7.62
CA VAL B 23 -5.81 17.58 7.07
C VAL B 23 -7.06 18.42 6.86
N LYS B 24 -7.11 19.59 7.51
CA LYS B 24 -8.28 20.48 7.52
C LYS B 24 -7.93 21.74 6.72
N ASN B 25 -8.62 21.95 5.61
CA ASN B 25 -8.51 23.18 4.81
C ASN B 25 -8.70 24.38 5.76
N GLY B 26 -7.83 25.37 5.64
CA GLY B 26 -7.85 26.59 6.46
C GLY B 26 -6.86 26.53 7.62
N GLU B 27 -6.39 25.33 8.02
CA GLU B 27 -5.50 25.20 9.20
C GLU B 27 -4.08 25.65 8.83
N LYS B 28 -3.31 25.98 9.85
CA LYS B 28 -1.97 26.60 9.70
C LYS B 28 -0.95 25.73 10.45
N TRP B 29 0.05 25.20 9.74
CA TRP B 29 1.09 24.29 10.29
C TRP B 29 2.29 25.13 10.73
N MET B 30 2.75 24.96 11.98
CA MET B 30 4.02 25.54 12.49
C MET B 30 4.06 27.05 12.20
N ASP B 31 2.91 27.72 12.31
CA ASP B 31 2.71 29.16 12.01
C ASP B 31 3.36 29.52 10.67
N ARG B 32 3.16 28.71 9.63
CA ARG B 32 3.89 28.90 8.35
C ARG B 32 3.02 28.54 7.15
N TYR B 33 2.52 27.31 7.11
CA TYR B 33 1.84 26.70 5.94
C TYR B 33 0.34 26.77 6.15
N GLU B 34 -0.32 27.58 5.32
CA GLU B 34 -1.79 27.74 5.31
C GLU B 34 -2.35 26.73 4.31
N ILE B 35 -2.99 25.67 4.81
CA ILE B 35 -3.52 24.58 3.96
C ILE B 35 -4.70 25.13 3.17
N ASP B 36 -4.63 25.06 1.85
CA ASP B 36 -5.67 25.58 0.94
C ASP B 36 -6.63 24.46 0.58
N SER B 37 -6.10 23.34 0.09
CA SER B 37 -6.90 22.27 -0.53
C SER B 37 -6.06 21.01 -0.72
N LEU B 38 -6.74 19.88 -0.85
CA LEU B 38 -6.17 18.56 -1.23
C LEU B 38 -5.95 18.55 -2.76
N ILE B 39 -4.74 18.20 -3.19
CA ILE B 39 -4.36 18.05 -4.63
C ILE B 39 -4.64 16.61 -5.03
N GLY B 40 -4.33 15.65 -4.15
CA GLY B 40 -4.41 14.21 -4.42
C GLY B 40 -4.27 13.36 -3.16
N LYS B 41 -4.89 12.19 -3.14
CA LYS B 41 -4.87 11.21 -2.02
C LYS B 41 -4.51 9.85 -2.61
N GLY B 42 -4.05 8.91 -1.79
CA GLY B 42 -3.73 7.56 -2.28
C GLY B 42 -3.00 6.70 -1.27
N SER B 43 -2.48 5.57 -1.72
CA SER B 43 -1.71 4.58 -0.92
C SER B 43 -0.47 5.24 -0.32
N PHE B 44 0.19 6.12 -1.11
CA PHE B 44 1.46 6.84 -0.76
C PHE B 44 1.22 7.79 0.43
N GLY B 45 0.03 8.39 0.49
CA GLY B 45 -0.35 9.41 1.47
C GLY B 45 -1.19 10.46 0.79
N GLN B 46 -0.85 11.74 0.92
CA GLN B 46 -1.63 12.78 0.23
C GLN B 46 -0.70 13.91 -0.18
N VAL B 47 -1.15 14.73 -1.13
CA VAL B 47 -0.48 16.00 -1.53
C VAL B 47 -1.48 17.13 -1.28
N VAL B 48 -1.07 18.16 -0.56
CA VAL B 48 -1.93 19.35 -0.29
C VAL B 48 -1.28 20.59 -0.91
N LYS B 49 -2.12 21.50 -1.42
CA LYS B 49 -1.73 22.87 -1.79
C LYS B 49 -1.72 23.71 -0.52
N ALA B 50 -0.61 24.39 -0.23
CA ALA B 50 -0.45 25.25 0.97
C ALA B 50 0.30 26.52 0.57
N TYR B 51 -0.02 27.63 1.26
CA TYR B 51 0.71 28.92 1.15
C TYR B 51 1.79 28.95 2.25
N ASP B 52 3.05 29.02 1.82
CA ASP B 52 4.23 29.27 2.68
C ASP B 52 4.34 30.79 2.92
N ARG B 53 3.98 31.24 4.12
CA ARG B 53 3.97 32.69 4.47
C ARG B 53 5.40 33.21 4.59
N VAL B 54 6.34 32.35 5.01
CA VAL B 54 7.79 32.72 5.13
C VAL B 54 8.34 33.04 3.74
N GLU B 55 8.20 32.14 2.76
CA GLU B 55 8.76 32.35 1.39
C GLU B 55 7.78 33.14 0.51
N GLN B 56 6.55 33.37 1.00
CA GLN B 56 5.47 34.09 0.29
C GLN B 56 5.23 33.45 -1.08
N GLU B 57 4.87 32.16 -1.11
CA GLU B 57 4.58 31.42 -2.37
C GLU B 57 3.74 30.18 -2.07
N TRP B 58 3.01 29.71 -3.09
CA TRP B 58 2.34 28.39 -3.07
C TRP B 58 3.39 27.29 -3.09
N VAL B 59 3.08 26.17 -2.42
CA VAL B 59 3.91 24.94 -2.35
C VAL B 59 2.96 23.73 -2.39
N ALA B 60 3.45 22.60 -2.88
CA ALA B 60 2.70 21.34 -2.83
C ALA B 60 3.33 20.51 -1.72
N ILE B 61 2.62 20.21 -0.65
CA ILE B 61 3.24 19.39 0.42
C ILE B 61 2.80 17.95 0.23
N LYS B 62 3.78 17.05 0.11
CA LYS B 62 3.56 15.59 0.03
C LYS B 62 3.68 15.02 1.43
N ILE B 63 2.57 14.55 1.99
CA ILE B 63 2.52 13.89 3.31
C ILE B 63 2.64 12.37 3.12
N ILE B 64 3.72 11.77 3.64
CA ILE B 64 3.94 10.30 3.63
C ILE B 64 3.11 9.70 4.76
N LYS B 65 2.36 8.64 4.49
CA LYS B 65 1.52 8.04 5.54
C LYS B 65 2.42 7.38 6.59
N ASN B 66 1.89 7.24 7.80
CA ASN B 66 2.64 6.68 8.96
C ASN B 66 2.59 5.15 8.96
N LYS B 67 3.31 4.50 8.01
CA LYS B 67 3.72 3.07 7.97
C LYS B 67 5.21 3.03 7.61
N LYS B 68 5.95 2.10 8.23
CA LYS B 68 7.45 2.05 8.16
C LYS B 68 7.90 1.88 6.71
N ALA B 69 7.26 1.00 5.93
CA ALA B 69 7.59 0.73 4.51
C ALA B 69 7.56 2.03 3.71
N PHE B 70 6.50 2.83 3.87
CA PHE B 70 6.28 4.09 3.12
C PHE B 70 7.31 5.13 3.53
N LEU B 71 7.54 5.29 4.83
CA LEU B 71 8.53 6.25 5.35
C LEU B 71 9.92 5.82 4.85
N ASN B 72 10.26 4.52 4.87
CA ASN B 72 11.59 4.06 4.40
C ASN B 72 11.75 4.45 2.93
N GLN B 73 10.73 4.22 2.12
CA GLN B 73 10.80 4.52 0.67
C GLN B 73 10.91 6.04 0.46
N ALA B 74 10.25 6.82 1.30
CA ALA B 74 10.24 8.30 1.24
C ALA B 74 11.61 8.85 1.65
N GLN B 75 12.35 8.19 2.53
CA GLN B 75 13.74 8.63 2.87
C GLN B 75 14.62 8.43 1.63
N ILE B 76 14.39 7.36 0.87
CA ILE B 76 15.13 7.07 -0.39
C ILE B 76 14.77 8.19 -1.38
N GLU B 77 13.47 8.53 -1.47
CA GLU B 77 12.99 9.58 -2.42
C GLU B 77 13.64 10.91 -2.03
N VAL B 78 13.67 11.24 -0.72
CA VAL B 78 14.27 12.51 -0.21
C VAL B 78 15.76 12.54 -0.60
N ARG B 79 16.49 11.43 -0.40
CA ARG B 79 17.94 11.36 -0.68
C ARG B 79 18.17 11.65 -2.16
N LEU B 80 17.42 11.00 -3.05
CA LEU B 80 17.60 11.10 -4.52
C LEU B 80 17.25 12.52 -5.00
N LEU B 81 16.20 13.13 -4.46
CA LEU B 81 15.83 14.52 -4.83
C LEU B 81 16.95 15.48 -4.43
N GLU B 82 17.44 15.43 -3.18
CA GLU B 82 18.51 16.33 -2.68
C GLU B 82 19.80 16.07 -3.49
N LEU B 83 20.01 14.82 -3.90
CA LEU B 83 21.16 14.48 -4.77
C LEU B 83 20.99 15.22 -6.10
N MET B 84 19.79 15.23 -6.68
CA MET B 84 19.58 15.87 -8.01
C MET B 84 19.67 17.39 -7.85
N ASN B 85 19.24 17.91 -6.70
CA ASN B 85 19.29 19.37 -6.36
C ASN B 85 20.76 19.80 -6.28
N LYS B 86 21.64 18.95 -5.79
CA LYS B 86 23.10 19.23 -5.69
C LYS B 86 23.71 19.40 -7.08
N HIS B 87 23.20 18.70 -8.08
CA HIS B 87 23.71 18.68 -9.47
C HIS B 87 22.90 19.62 -10.36
N ASP B 88 21.83 20.23 -9.86
CA ASP B 88 20.86 21.02 -10.69
C ASP B 88 20.55 22.35 -9.99
N THR B 89 21.59 23.12 -9.64
CA THR B 89 21.49 24.37 -8.82
C THR B 89 20.59 25.40 -9.52
N GLU B 90 20.63 25.48 -10.86
CA GLU B 90 19.80 26.42 -11.66
C GLU B 90 18.38 25.87 -11.84
N MET B 91 18.14 24.59 -11.53
CA MET B 91 16.93 23.81 -11.91
C MET B 91 16.75 23.86 -13.43
N LYS B 92 17.88 23.75 -14.16
CA LYS B 92 18.01 23.84 -15.64
C LYS B 92 17.34 22.64 -16.31
N TYR B 93 17.23 21.53 -15.57
CA TYR B 93 16.74 20.22 -16.05
C TYR B 93 15.28 20.15 -15.59
N TYR B 94 14.59 19.06 -15.86
CA TYR B 94 13.11 19.05 -15.82
C TYR B 94 12.62 18.24 -14.62
N ILE B 95 13.29 18.38 -13.47
CA ILE B 95 13.02 17.64 -12.21
C ILE B 95 12.37 18.62 -11.22
N VAL B 96 11.31 18.17 -10.55
CA VAL B 96 10.60 18.98 -9.51
C VAL B 96 11.60 19.28 -8.39
N HIS B 97 11.60 20.51 -7.87
CA HIS B 97 12.53 20.94 -6.80
C HIS B 97 11.91 20.62 -5.44
N LEU B 98 12.62 19.84 -4.62
CA LEU B 98 12.25 19.61 -3.20
C LEU B 98 12.82 20.78 -2.40
N LYS B 99 11.97 21.61 -1.82
CA LYS B 99 12.39 22.84 -1.10
C LYS B 99 12.93 22.44 0.28
N ARG B 100 12.19 21.63 1.01
CA ARG B 100 12.62 21.08 2.32
C ARG B 100 11.70 19.94 2.72
N HIS B 101 12.05 19.25 3.79
CA HIS B 101 11.18 18.26 4.44
C HIS B 101 11.23 18.48 5.95
N PHE B 102 10.23 17.94 6.64
CA PHE B 102 10.16 17.94 8.11
C PHE B 102 9.18 16.84 8.53
N MET B 103 9.23 16.48 9.82
CA MET B 103 8.27 15.57 10.48
C MET B 103 7.22 16.47 11.14
N PHE B 104 5.95 16.09 11.05
CA PHE B 104 4.80 16.87 11.58
C PHE B 104 3.64 15.92 11.81
N ARG B 105 3.13 15.95 13.04
CA ARG B 105 2.09 15.00 13.51
C ARG B 105 2.52 13.56 13.20
N ASN B 106 3.81 13.25 13.19
CA ASN B 106 4.30 11.85 12.99
C ASN B 106 4.31 11.44 11.51
N HIS B 107 4.25 12.40 10.58
CA HIS B 107 4.35 12.16 9.12
C HIS B 107 5.57 12.90 8.58
N LEU B 108 6.38 12.23 7.74
CA LEU B 108 7.39 12.92 6.90
C LEU B 108 6.62 13.73 5.86
N CYS B 109 6.96 15.01 5.74
CA CYS B 109 6.32 15.96 4.79
C CYS B 109 7.41 16.51 3.87
N LEU B 110 7.22 16.34 2.56
CA LEU B 110 8.12 16.89 1.52
C LEU B 110 7.43 18.12 0.93
N VAL B 111 8.07 19.29 1.06
CA VAL B 111 7.57 20.57 0.49
C VAL B 111 8.21 20.70 -0.89
N PHE B 112 7.38 20.74 -1.93
CA PHE B 112 7.83 20.91 -3.33
C PHE B 112 7.36 22.27 -3.82
N GLU B 113 7.95 22.75 -4.90
CA GLU B 113 7.42 23.92 -5.64
C GLU B 113 6.02 23.57 -6.16
N MET B 114 5.11 24.53 -6.16
CA MET B 114 3.77 24.39 -6.79
C MET B 114 3.96 24.29 -8.31
N LEU B 115 3.36 23.30 -8.94
CA LEU B 115 3.37 23.17 -10.42
C LEU B 115 1.93 23.26 -10.94
N SER B 116 1.74 23.34 -12.25
CA SER B 116 0.39 23.30 -12.87
C SER B 116 -0.10 21.85 -13.06
N TYR B 117 -1.06 21.63 -13.98
CA TYR B 117 -1.72 20.31 -14.16
C TYR B 117 -0.78 19.38 -14.94
N ASN B 118 -1.13 18.09 -14.95
CA ASN B 118 -0.27 17.00 -15.48
C ASN B 118 -0.70 16.68 -16.92
N LEU B 119 0.09 15.86 -17.62
CA LEU B 119 -0.11 15.60 -19.07
C LEU B 119 -1.35 14.73 -19.28
N TYR B 120 -1.83 13.98 -18.27
CA TYR B 120 -3.14 13.28 -18.39
C TYR B 120 -4.28 14.30 -18.43
N ASP B 121 -4.23 15.33 -17.57
CA ASP B 121 -5.21 16.44 -17.55
C ASP B 121 -5.20 17.10 -18.93
N LEU B 122 -4.00 17.37 -19.45
CA LEU B 122 -3.84 17.99 -20.79
C LEU B 122 -4.59 17.13 -21.81
N LEU B 123 -4.37 15.82 -21.82
CA LEU B 123 -5.05 14.87 -22.74
C LEU B 123 -6.57 14.97 -22.57
N ARG B 124 -7.08 14.96 -21.32
CA ARG B 124 -8.54 15.00 -21.05
C ARG B 124 -9.14 16.26 -21.67
N ASN B 125 -8.44 17.40 -21.57
CA ASN B 125 -8.91 18.70 -22.11
C ASN B 125 -8.92 18.68 -23.66
N THR B 126 -8.29 17.70 -24.31
CA THR B 126 -8.38 17.47 -25.79
C THR B 126 -9.49 16.45 -26.10
N ASN B 127 -10.22 15.99 -25.08
CA ASN B 127 -11.22 14.88 -25.21
CA ASN B 127 -11.22 14.90 -25.21
C ASN B 127 -10.50 13.66 -25.76
N PHE B 128 -9.23 13.48 -25.39
CA PHE B 128 -8.36 12.31 -25.70
C PHE B 128 -8.21 12.17 -27.21
N ARG B 129 -8.06 13.29 -27.92
CA ARG B 129 -7.77 13.33 -29.37
C ARG B 129 -6.27 13.54 -29.59
N GLY B 130 -5.57 13.91 -28.51
CA GLY B 130 -4.11 14.08 -28.50
C GLY B 130 -3.71 15.51 -28.79
N VAL B 131 -2.47 15.85 -28.48
CA VAL B 131 -1.87 17.18 -28.75
C VAL B 131 -1.15 17.04 -30.08
N SER B 132 -0.71 18.16 -30.66
CA SER B 132 0.01 18.20 -31.96
C SER B 132 1.33 17.47 -31.86
N LEU B 133 1.83 16.99 -32.99
CA LEU B 133 3.16 16.36 -33.11
C LEU B 133 4.22 17.37 -32.70
N ASN B 134 3.92 18.67 -32.84
CA ASN B 134 4.86 19.76 -32.50
C ASN B 134 4.94 19.90 -30.98
N LEU B 135 3.82 19.81 -30.25
CA LEU B 135 3.84 19.87 -28.77
C LEU B 135 4.40 18.54 -28.22
N THR B 136 4.04 17.42 -28.84
CA THR B 136 4.62 16.09 -28.51
C THR B 136 6.16 16.19 -28.59
N ARG B 137 6.70 16.72 -29.68
CA ARG B 137 8.17 16.88 -29.87
C ARG B 137 8.79 17.67 -28.71
N LYS B 138 8.10 18.74 -28.25
CA LYS B 138 8.60 19.63 -27.19
C LYS B 138 8.69 18.84 -25.88
N PHE B 139 7.66 18.05 -25.55
CA PHE B 139 7.65 17.21 -24.34
C PHE B 139 8.77 16.17 -24.49
N ALA B 140 8.86 15.54 -25.66
CA ALA B 140 9.85 14.47 -25.95
C ALA B 140 11.27 14.97 -25.73
N GLN B 141 11.60 16.18 -26.19
CA GLN B 141 12.95 16.76 -26.02
C GLN B 141 13.23 17.03 -24.54
N GLN B 142 12.26 17.59 -23.82
CA GLN B 142 12.42 17.93 -22.38
C GLN B 142 12.62 16.62 -21.58
N MET B 143 11.79 15.61 -21.85
CA MET B 143 11.84 14.29 -21.15
C MET B 143 13.16 13.59 -21.45
N CYS B 144 13.64 13.63 -22.70
CA CYS B 144 14.95 13.03 -23.08
C CYS B 144 16.08 13.79 -22.38
N THR B 145 15.97 15.11 -22.20
CA THR B 145 17.01 15.91 -21.49
C THR B 145 16.99 15.52 -20.01
N ALA B 146 15.80 15.36 -19.41
CA ALA B 146 15.61 14.88 -18.02
C ALA B 146 16.25 13.50 -17.85
N LEU B 147 15.98 12.57 -18.78
CA LEU B 147 16.51 11.19 -18.67
C LEU B 147 18.03 11.23 -18.84
N LEU B 148 18.55 12.16 -19.64
CA LEU B 148 20.02 12.31 -19.81
C LEU B 148 20.60 12.75 -18.46
N PHE B 149 19.88 13.61 -17.74
CA PHE B 149 20.30 14.11 -16.40
C PHE B 149 20.33 12.93 -15.41
N LEU B 150 19.30 12.09 -15.39
CA LEU B 150 19.24 10.96 -14.42
C LEU B 150 20.35 9.95 -14.74
N ALA B 151 20.75 9.88 -16.02
CA ALA B 151 21.78 8.94 -16.52
C ALA B 151 23.19 9.40 -16.14
N THR B 152 23.38 10.64 -15.67
CA THR B 152 24.66 11.10 -15.07
C THR B 152 25.19 9.99 -14.18
N PRO B 153 26.44 9.50 -14.37
CA PRO B 153 26.95 8.37 -13.59
C PRO B 153 26.77 8.54 -12.08
N GLU B 154 27.03 9.76 -11.56
CA GLU B 154 26.99 10.08 -10.10
C GLU B 154 25.52 10.05 -9.63
N LEU B 155 24.57 10.16 -10.56
CA LEU B 155 23.13 9.98 -10.24
C LEU B 155 22.72 8.52 -10.55
N SER B 156 22.69 8.12 -11.82
CA SER B 156 22.30 6.74 -12.23
C SER B 156 20.94 6.41 -11.61
N ILE B 157 19.99 7.34 -11.72
CA ILE B 157 18.65 7.22 -11.09
C ILE B 157 17.69 6.65 -12.14
N ILE B 158 16.99 5.58 -11.77
CA ILE B 158 15.84 5.02 -12.53
C ILE B 158 14.59 5.55 -11.83
N HIS B 159 13.74 6.28 -12.54
CA HIS B 159 12.48 6.88 -12.00
C HIS B 159 11.50 5.77 -11.58
N CYS B 160 11.29 4.78 -12.47
CA CYS B 160 10.50 3.54 -12.28
C CYS B 160 9.00 3.81 -12.28
N ASP B 161 8.52 5.04 -12.52
CA ASP B 161 7.06 5.27 -12.57
C ASP B 161 6.71 6.43 -13.51
N LEU B 162 7.32 6.48 -14.69
CA LEU B 162 7.03 7.55 -15.68
C LEU B 162 5.66 7.27 -16.26
N LYS B 163 4.79 8.28 -16.23
CA LYS B 163 3.43 8.25 -16.81
C LYS B 163 2.92 9.66 -16.97
N PRO B 164 1.91 9.89 -17.84
CA PRO B 164 1.41 11.24 -18.08
C PRO B 164 1.11 11.98 -16.76
N GLU B 165 0.56 11.29 -15.76
CA GLU B 165 0.25 11.85 -14.41
C GLU B 165 1.51 12.33 -13.68
N ASN B 166 2.68 11.78 -13.97
CA ASN B 166 3.93 12.14 -13.24
C ASN B 166 4.75 13.17 -14.03
N ILE B 167 4.20 13.71 -15.12
CA ILE B 167 4.82 14.85 -15.86
C ILE B 167 3.86 16.03 -15.75
N LEU B 168 4.32 17.15 -15.18
CA LEU B 168 3.43 18.31 -14.87
C LEU B 168 3.95 19.54 -15.59
N LEU B 169 3.03 20.37 -16.10
CA LEU B 169 3.36 21.70 -16.66
C LEU B 169 3.82 22.63 -15.52
N CYS B 170 4.82 23.45 -15.80
CA CYS B 170 5.27 24.53 -14.89
C CYS B 170 4.21 25.62 -14.82
N ASN B 171 3.62 25.96 -15.97
CA ASN B 171 2.68 27.09 -16.15
C ASN B 171 1.64 26.61 -17.15
N PRO B 172 0.33 26.87 -16.92
CA PRO B 172 -0.70 26.32 -17.80
C PRO B 172 -0.66 26.85 -19.24
N LYS B 173 0.03 27.97 -19.48
CA LYS B 173 0.07 28.65 -20.79
C LYS B 173 1.41 28.35 -21.49
N ARG B 174 2.27 27.49 -20.94
CA ARG B 174 3.57 27.15 -21.59
C ARG B 174 3.77 25.64 -21.63
N SER B 175 4.75 25.21 -22.45
CA SER B 175 5.08 23.79 -22.75
C SER B 175 6.12 23.24 -21.76
N ALA B 176 6.72 24.09 -20.91
CA ALA B 176 7.74 23.70 -19.91
C ALA B 176 7.15 22.63 -18.98
N ILE B 177 7.87 21.52 -18.80
CA ILE B 177 7.43 20.38 -17.97
C ILE B 177 8.51 20.05 -16.93
N LYS B 178 8.08 19.41 -15.84
CA LYS B 178 8.94 18.88 -14.78
C LYS B 178 8.41 17.50 -14.39
N ILE B 179 9.32 16.58 -14.07
CA ILE B 179 8.95 15.21 -13.62
C ILE B 179 8.73 15.23 -12.12
N VAL B 180 7.63 14.64 -11.65
CA VAL B 180 7.37 14.50 -10.19
C VAL B 180 7.43 13.02 -9.84
N ASP B 181 7.41 12.74 -8.55
CA ASP B 181 7.18 11.40 -7.94
C ASP B 181 8.41 10.51 -8.13
N PHE B 182 9.32 10.51 -7.18
CA PHE B 182 10.49 9.60 -7.15
C PHE B 182 10.25 8.61 -6.01
N GLY B 183 8.99 8.34 -5.71
CA GLY B 183 8.58 7.44 -4.63
C GLY B 183 8.82 5.98 -4.94
N SER B 184 9.08 5.56 -6.18
CA SER B 184 9.54 4.16 -6.39
C SER B 184 10.91 4.11 -7.09
N SER B 185 11.63 5.23 -7.08
CA SER B 185 12.90 5.38 -7.83
C SER B 185 14.00 4.64 -7.08
N CYS B 186 15.06 4.29 -7.79
CA CYS B 186 16.26 3.67 -7.19
C CYS B 186 17.46 3.98 -8.06
N GLN B 187 18.65 3.81 -7.49
CA GLN B 187 19.89 4.00 -8.25
C GLN B 187 20.21 2.65 -8.90
N LEU B 188 20.80 2.69 -10.09
CA LEU B 188 21.43 1.51 -10.73
C LEU B 188 22.14 0.68 -9.67
N GLY B 189 21.84 -0.62 -9.59
CA GLY B 189 22.48 -1.55 -8.63
C GLY B 189 21.77 -1.66 -7.30
N GLN B 190 20.68 -0.93 -7.06
CA GLN B 190 19.97 -0.93 -5.74
C GLN B 190 18.47 -1.20 -5.99
N ARG B 191 18.17 -2.04 -6.97
CA ARG B 191 16.81 -2.57 -7.24
C ARG B 191 16.35 -3.33 -6.00
N ILE B 192 15.17 -3.01 -5.47
CA ILE B 192 14.57 -3.71 -4.31
C ILE B 192 13.15 -4.22 -4.65
N TYR B 193 12.52 -3.74 -5.73
CA TYR B 193 11.18 -4.18 -6.13
C TYR B 193 11.26 -4.88 -7.48
N GLN B 194 10.72 -6.10 -7.55
CA GLN B 194 10.60 -6.90 -8.79
C GLN B 194 9.43 -6.36 -9.60
N PTR B 195 8.43 -5.86 -8.88
CA PTR B 195 7.18 -5.39 -9.45
C PTR B 195 7.18 -3.88 -9.30
O PTR B 195 7.12 -3.37 -8.19
CB PTR B 195 5.98 -6.01 -8.73
CG PTR B 195 4.65 -5.69 -9.35
CD1 PTR B 195 3.90 -4.57 -8.99
CD2 PTR B 195 4.15 -6.51 -10.37
CE1 PTR B 195 2.69 -4.26 -9.60
CE2 PTR B 195 2.94 -6.23 -10.99
CZ PTR B 195 2.22 -5.10 -10.60
OH PTR B 195 1.01 -4.94 -11.30
P PTR B 195 -0.19 -3.93 -10.97
O1P PTR B 195 -0.33 -3.78 -9.47
O2P PTR B 195 0.09 -2.60 -11.60
O3P PTR B 195 -1.42 -4.53 -11.56
N ILE B 196 7.29 -3.19 -10.44
CA ILE B 196 7.44 -1.75 -10.48
C ILE B 196 6.93 -1.23 -11.83
N GLN B 197 6.76 0.10 -11.95
CA GLN B 197 6.16 0.83 -13.10
C GLN B 197 4.63 0.64 -13.05
N SER B 198 3.87 1.67 -13.41
CA SER B 198 2.42 1.57 -13.70
C SER B 198 2.24 0.69 -14.94
N ARG B 199 1.27 -0.22 -14.88
CA ARG B 199 1.13 -1.35 -15.83
C ARG B 199 1.23 -0.89 -17.29
N PHE B 200 0.53 0.16 -17.72
CA PHE B 200 0.47 0.55 -19.14
C PHE B 200 1.88 0.93 -19.64
N TYR B 201 2.73 1.37 -18.72
CA TYR B 201 4.07 1.96 -19.03
C TYR B 201 5.18 0.99 -18.58
N ARG B 202 4.81 -0.24 -18.22
CA ARG B 202 5.74 -1.24 -17.64
C ARG B 202 6.50 -1.92 -18.77
N SER B 203 7.83 -1.95 -18.66
CA SER B 203 8.77 -2.47 -19.69
C SER B 203 8.68 -3.99 -19.70
N PRO B 204 8.99 -4.64 -20.85
CA PRO B 204 9.01 -6.09 -20.92
C PRO B 204 9.97 -6.72 -19.89
N GLU B 205 11.13 -6.10 -19.64
CA GLU B 205 12.10 -6.68 -18.67
C GLU B 205 11.42 -6.81 -17.30
N VAL B 206 10.59 -5.85 -16.91
CA VAL B 206 9.87 -5.89 -15.59
C VAL B 206 8.74 -6.93 -15.61
N LEU B 207 7.92 -6.95 -16.66
CA LEU B 207 6.86 -7.97 -16.85
C LEU B 207 7.46 -9.39 -16.81
N LEU B 208 8.66 -9.57 -17.37
CA LEU B 208 9.38 -10.86 -17.38
C LEU B 208 10.13 -11.08 -16.06
N GLY B 209 10.02 -10.15 -15.11
CA GLY B 209 10.62 -10.25 -13.76
C GLY B 209 12.14 -10.26 -13.80
N MET B 210 12.74 -9.67 -14.84
CA MET B 210 14.21 -9.64 -15.07
C MET B 210 14.82 -8.48 -14.29
N PRO B 211 16.17 -8.46 -14.12
CA PRO B 211 16.86 -7.28 -13.63
C PRO B 211 16.60 -6.12 -14.61
N TYR B 212 16.67 -4.88 -14.10
CA TYR B 212 16.36 -3.70 -14.91
C TYR B 212 17.36 -2.59 -14.62
N ASP B 213 17.46 -1.66 -15.54
CA ASP B 213 18.36 -0.49 -15.42
C ASP B 213 17.59 0.75 -15.92
N LEU B 214 18.28 1.79 -16.34
CA LEU B 214 17.63 3.08 -16.68
C LEU B 214 16.81 2.93 -17.96
N ALA B 215 17.01 1.86 -18.72
CA ALA B 215 16.32 1.66 -20.01
C ALA B 215 14.81 1.57 -19.80
N ILE B 216 14.34 1.19 -18.60
CA ILE B 216 12.87 1.01 -18.37
C ILE B 216 12.19 2.36 -18.49
N ASP B 217 12.87 3.44 -18.11
CA ASP B 217 12.31 4.82 -18.19
C ASP B 217 12.14 5.21 -19.65
N MET B 218 13.04 4.78 -20.55
CA MET B 218 12.94 5.11 -21.99
C MET B 218 11.76 4.35 -22.60
N TRP B 219 11.55 3.10 -22.21
CA TRP B 219 10.33 2.33 -22.59
C TRP B 219 9.08 3.14 -22.21
N SER B 220 8.97 3.58 -20.96
CA SER B 220 7.78 4.32 -20.44
C SER B 220 7.58 5.58 -21.28
N LEU B 221 8.68 6.28 -21.62
CA LEU B 221 8.65 7.54 -22.41
C LEU B 221 8.10 7.24 -23.81
N GLY B 222 8.58 6.16 -24.44
CA GLY B 222 8.04 5.68 -25.73
C GLY B 222 6.53 5.62 -25.69
N CYS B 223 5.98 4.91 -24.69
CA CYS B 223 4.51 4.70 -24.51
C CYS B 223 3.83 6.05 -24.32
N ILE B 224 4.43 6.92 -23.53
CA ILE B 224 3.81 8.21 -23.11
C ILE B 224 3.67 9.10 -24.34
N LEU B 225 4.73 9.22 -25.14
CA LEU B 225 4.79 10.13 -26.31
C LEU B 225 3.76 9.69 -27.35
N VAL B 226 3.60 8.39 -27.61
CA VAL B 226 2.52 7.90 -28.53
C VAL B 226 1.16 8.33 -27.96
N GLU B 227 0.94 8.14 -26.66
CA GLU B 227 -0.34 8.49 -25.98
C GLU B 227 -0.56 10.01 -26.04
N MET B 228 0.49 10.82 -25.90
CA MET B 228 0.32 12.29 -25.92
C MET B 228 -0.21 12.73 -27.30
N HIS B 229 0.18 12.05 -28.37
CA HIS B 229 -0.21 12.42 -29.76
C HIS B 229 -1.54 11.77 -30.15
N THR B 230 -1.83 10.54 -29.71
CA THR B 230 -3.07 9.80 -30.10
C THR B 230 -4.22 10.09 -29.12
N GLY B 231 -3.91 10.38 -27.86
CA GLY B 231 -4.89 10.59 -26.78
C GLY B 231 -5.24 9.30 -26.04
N GLU B 232 -4.75 8.13 -26.48
CA GLU B 232 -5.06 6.79 -25.91
C GLU B 232 -3.77 6.08 -25.48
N PRO B 233 -3.82 5.23 -24.42
CA PRO B 233 -2.65 4.45 -24.02
C PRO B 233 -2.28 3.48 -25.15
N LEU B 234 -0.99 3.38 -25.47
CA LEU B 234 -0.49 2.47 -26.54
C LEU B 234 -0.80 1.02 -26.14
N PHE B 235 -0.52 0.67 -24.87
CA PHE B 235 -0.66 -0.70 -24.34
C PHE B 235 -1.50 -0.66 -23.05
N SER B 236 -2.80 -0.88 -23.15
CA SER B 236 -3.76 -0.72 -22.01
C SER B 236 -4.13 -2.09 -21.45
N GLY B 237 -3.18 -2.76 -20.81
CA GLY B 237 -3.42 -4.07 -20.15
C GLY B 237 -4.31 -3.97 -18.92
N ALA B 238 -5.23 -4.92 -18.75
CA ALA B 238 -6.07 -5.09 -17.55
C ALA B 238 -5.29 -5.77 -16.42
N ASN B 239 -4.23 -6.49 -16.79
CA ASN B 239 -3.38 -7.30 -15.90
C ASN B 239 -2.10 -7.61 -16.69
N GLU B 240 -1.12 -8.25 -16.05
CA GLU B 240 0.22 -8.31 -16.65
C GLU B 240 0.18 -9.25 -17.87
N VAL B 241 -0.65 -10.29 -17.89
CA VAL B 241 -0.75 -11.20 -19.07
C VAL B 241 -1.33 -10.40 -20.25
N ASP B 242 -2.42 -9.65 -20.02
CA ASP B 242 -3.05 -8.77 -21.02
C ASP B 242 -2.04 -7.72 -21.49
N GLN B 243 -1.28 -7.15 -20.56
CA GLN B 243 -0.29 -6.09 -20.88
C GLN B 243 0.73 -6.67 -21.87
N MET B 244 1.28 -7.85 -21.59
CA MET B 244 2.34 -8.47 -22.41
C MET B 244 1.75 -8.75 -23.79
N ASN B 245 0.54 -9.29 -23.81
CA ASN B 245 -0.17 -9.63 -25.08
C ASN B 245 -0.41 -8.37 -25.93
N LYS B 246 -0.72 -7.24 -25.31
CA LYS B 246 -0.94 -5.98 -26.05
C LYS B 246 0.39 -5.46 -26.59
N ILE B 247 1.49 -5.66 -25.85
CA ILE B 247 2.83 -5.29 -26.36
C ILE B 247 3.14 -6.16 -27.58
N VAL B 248 2.88 -7.45 -27.49
CA VAL B 248 3.19 -8.45 -28.55
C VAL B 248 2.40 -8.13 -29.81
N GLU B 249 1.11 -7.77 -29.70
CA GLU B 249 0.26 -7.32 -30.84
C GLU B 249 1.00 -6.30 -31.69
N VAL B 250 1.73 -5.36 -31.08
CA VAL B 250 2.39 -4.24 -31.81
C VAL B 250 3.81 -4.68 -32.24
N LEU B 251 4.54 -5.36 -31.37
CA LEU B 251 6.02 -5.43 -31.48
C LEU B 251 6.47 -6.86 -31.76
N GLY B 252 5.56 -7.83 -31.68
CA GLY B 252 5.83 -9.24 -31.99
C GLY B 252 6.39 -10.01 -30.80
N ILE B 253 6.76 -11.27 -30.98
CA ILE B 253 7.32 -12.12 -29.90
C ILE B 253 8.67 -11.52 -29.52
N PRO B 254 8.99 -11.34 -28.23
CA PRO B 254 10.30 -10.85 -27.82
C PRO B 254 11.42 -11.77 -28.30
N PRO B 255 12.67 -11.27 -28.45
CA PRO B 255 13.81 -12.10 -28.85
C PRO B 255 14.05 -13.29 -27.92
N ALA B 256 14.43 -14.44 -28.48
CA ALA B 256 14.68 -15.70 -27.74
C ALA B 256 15.75 -15.48 -26.67
N HIS B 257 16.81 -14.72 -26.93
CA HIS B 257 17.91 -14.52 -25.95
C HIS B 257 17.39 -13.79 -24.69
N ILE B 258 16.37 -12.95 -24.83
CA ILE B 258 15.64 -12.30 -23.71
C ILE B 258 14.80 -13.37 -22.99
N LEU B 259 13.92 -14.06 -23.70
CA LEU B 259 12.96 -15.00 -23.04
C LEU B 259 13.72 -16.14 -22.36
N ASP B 260 14.86 -16.55 -22.92
CA ASP B 260 15.66 -17.70 -22.45
C ASP B 260 16.18 -17.43 -21.03
N GLN B 261 16.40 -16.16 -20.64
CA GLN B 261 17.00 -15.78 -19.34
C GLN B 261 15.93 -15.13 -18.42
N ALA B 262 14.70 -15.03 -18.89
CA ALA B 262 13.61 -14.30 -18.22
C ALA B 262 12.91 -15.21 -17.21
N PRO B 263 12.95 -14.90 -15.90
CA PRO B 263 12.33 -15.75 -14.89
C PRO B 263 10.87 -16.08 -15.19
N LYS B 264 10.13 -15.11 -15.75
CA LYS B 264 8.67 -15.22 -15.90
C LYS B 264 8.27 -15.45 -17.37
N ALA B 265 9.18 -15.91 -18.21
CA ALA B 265 8.90 -16.20 -19.63
C ALA B 265 7.70 -17.15 -19.73
N ARG B 266 7.60 -18.16 -18.86
CA ARG B 266 6.58 -19.23 -18.96
C ARG B 266 5.22 -18.72 -18.45
N LYS B 267 5.15 -17.53 -17.87
CA LYS B 267 3.85 -16.91 -17.54
C LYS B 267 3.11 -16.51 -18.82
N PHE B 268 3.81 -16.24 -19.92
CA PHE B 268 3.23 -15.60 -21.13
C PHE B 268 3.52 -16.39 -22.41
N PHE B 269 4.65 -17.10 -22.45
CA PHE B 269 5.17 -17.78 -23.66
C PHE B 269 5.41 -19.25 -23.35
N GLU B 270 5.50 -20.08 -24.39
CA GLU B 270 5.96 -21.49 -24.31
C GLU B 270 7.04 -21.75 -25.38
N LYS B 271 8.07 -22.47 -24.96
CA LYS B 271 9.20 -22.88 -25.82
C LYS B 271 8.75 -24.12 -26.61
N LEU B 272 8.93 -24.10 -27.93
CA LEU B 272 8.53 -25.23 -28.80
C LEU B 272 9.74 -26.12 -29.08
N PRO B 273 9.56 -27.32 -29.69
CA PRO B 273 10.68 -28.23 -29.93
C PRO B 273 11.82 -27.61 -30.78
N ASP B 274 11.47 -26.68 -31.68
CA ASP B 274 12.39 -26.02 -32.65
C ASP B 274 13.31 -25.03 -31.93
N GLY B 275 12.99 -24.66 -30.68
CA GLY B 275 13.79 -23.72 -29.87
C GLY B 275 13.22 -22.31 -29.94
N THR B 276 12.07 -22.17 -30.58
CA THR B 276 11.39 -20.86 -30.75
C THR B 276 10.33 -20.74 -29.64
N TRP B 277 10.03 -19.51 -29.28
CA TRP B 277 8.96 -19.17 -28.32
C TRP B 277 7.72 -18.69 -29.08
N ASN B 278 6.54 -18.95 -28.56
CA ASN B 278 5.34 -18.17 -28.94
C ASN B 278 4.36 -18.14 -27.77
N LEU B 279 3.24 -17.44 -27.94
CA LEU B 279 2.27 -17.18 -26.85
C LEU B 279 1.64 -18.49 -26.40
N LYS B 280 1.41 -18.64 -25.09
CA LYS B 280 0.61 -19.74 -24.48
C LYS B 280 -0.79 -19.79 -25.13
N LYS B 281 -1.31 -21.01 -25.36
CA LYS B 281 -2.54 -21.32 -26.16
C LYS B 281 -3.75 -20.47 -25.73
N GLU B 288 -9.13 -13.34 -27.57
CA GLU B 288 -8.42 -13.24 -28.88
C GLU B 288 -7.67 -11.90 -28.95
N TYR B 289 -6.45 -11.94 -29.48
CA TYR B 289 -5.59 -10.76 -29.74
C TYR B 289 -5.30 -10.72 -31.24
N LYS B 290 -4.95 -9.56 -31.80
CA LYS B 290 -4.37 -9.50 -33.17
C LYS B 290 -3.10 -10.35 -33.16
N PRO B 291 -2.79 -11.11 -34.21
CA PRO B 291 -1.53 -11.86 -34.23
C PRO B 291 -0.30 -10.99 -33.96
N PRO B 292 0.80 -11.60 -33.45
CA PRO B 292 2.00 -10.86 -33.09
C PRO B 292 2.54 -9.95 -34.21
N GLY B 293 2.74 -8.67 -33.90
CA GLY B 293 3.40 -7.68 -34.78
C GLY B 293 2.45 -7.10 -35.84
N THR B 294 1.16 -7.44 -35.82
CA THR B 294 0.19 -7.06 -36.88
C THR B 294 -0.57 -5.78 -36.52
N ARG B 295 -0.39 -5.27 -35.30
CA ARG B 295 -0.97 -3.98 -34.85
C ARG B 295 0.12 -2.93 -35.00
N LYS B 296 0.34 -2.51 -36.25
CA LYS B 296 1.52 -1.71 -36.67
C LYS B 296 1.48 -0.32 -36.05
N LEU B 297 2.59 0.16 -35.50
CA LEU B 297 2.68 1.53 -34.96
C LEU B 297 2.45 2.54 -36.09
N HIS B 298 2.84 2.19 -37.32
CA HIS B 298 2.59 2.95 -38.57
C HIS B 298 1.11 3.34 -38.69
N ASN B 299 0.20 2.43 -38.34
CA ASN B 299 -1.27 2.64 -38.41
C ASN B 299 -1.79 3.35 -37.17
N ILE B 300 -1.20 3.08 -36.01
CA ILE B 300 -1.65 3.71 -34.73
C ILE B 300 -1.43 5.21 -34.83
N LEU B 301 -0.27 5.62 -35.34
CA LEU B 301 0.10 7.05 -35.49
C LEU B 301 -0.58 7.63 -36.76
N GLY B 302 -1.02 6.77 -37.69
CA GLY B 302 -1.63 7.19 -38.96
C GLY B 302 -0.59 7.92 -39.80
N VAL B 303 0.59 7.33 -39.95
CA VAL B 303 1.77 7.95 -40.60
C VAL B 303 1.38 8.40 -42.01
N GLU B 304 0.74 7.53 -42.78
CA GLU B 304 0.39 7.77 -44.20
C GLU B 304 -1.10 8.13 -44.32
N THR B 305 -1.83 8.26 -43.20
CA THR B 305 -3.30 8.38 -43.23
C THR B 305 -3.76 9.60 -42.44
N GLY B 306 -2.93 10.65 -42.40
CA GLY B 306 -3.28 11.95 -41.83
C GLY B 306 -3.27 11.95 -40.31
N GLY B 307 -2.39 11.14 -39.71
CA GLY B 307 -2.18 11.12 -38.25
C GLY B 307 -3.33 10.43 -37.52
N PRO B 308 -3.33 10.48 -36.18
CA PRO B 308 -4.34 9.78 -35.38
C PRO B 308 -5.78 10.17 -35.77
N GLY B 309 -6.57 9.17 -36.17
CA GLY B 309 -7.96 9.28 -36.65
C GLY B 309 -8.09 10.11 -37.91
N GLY B 310 -7.02 10.24 -38.71
CA GLY B 310 -6.98 11.01 -39.97
C GLY B 310 -7.20 12.50 -39.77
N ARG B 311 -6.95 13.01 -38.56
CA ARG B 311 -7.30 14.40 -38.16
C ARG B 311 -6.22 15.40 -38.57
N ARG B 312 -4.98 14.98 -38.81
CA ARG B 312 -3.81 15.90 -38.87
C ARG B 312 -3.35 16.18 -40.31
N ALA B 313 -3.97 15.59 -41.34
CA ALA B 313 -3.57 15.78 -42.76
C ALA B 313 -3.61 17.28 -43.07
N GLY B 314 -2.54 17.81 -43.67
CA GLY B 314 -2.46 19.21 -44.09
C GLY B 314 -1.91 20.13 -43.02
N GLU B 315 -1.92 19.73 -41.75
CA GLU B 315 -1.35 20.54 -40.64
C GLU B 315 0.16 20.70 -40.82
N SER B 316 0.70 21.87 -40.45
CA SER B 316 2.15 22.17 -40.47
C SER B 316 2.89 21.13 -39.62
N GLY B 317 3.96 20.54 -40.14
CA GLY B 317 4.82 19.57 -39.42
C GLY B 317 4.12 18.25 -39.15
N HIS B 318 3.11 17.90 -39.95
CA HIS B 318 2.33 16.64 -39.83
C HIS B 318 2.41 15.86 -41.14
N THR B 319 3.50 16.06 -41.89
CA THR B 319 3.77 15.37 -43.16
C THR B 319 4.18 13.92 -42.85
N VAL B 320 4.06 13.05 -43.84
CA VAL B 320 4.54 11.65 -43.76
C VAL B 320 5.99 11.63 -43.27
N ALA B 321 6.84 12.52 -43.78
CA ALA B 321 8.27 12.66 -43.41
C ALA B 321 8.39 12.91 -41.91
N ASP B 322 7.59 13.85 -41.39
CA ASP B 322 7.55 14.20 -39.94
C ASP B 322 7.15 12.96 -39.13
N TYR B 323 6.11 12.24 -39.57
CA TYR B 323 5.58 11.06 -38.86
C TYR B 323 6.61 9.92 -38.88
N LEU B 324 7.28 9.70 -40.01
CA LEU B 324 8.27 8.59 -40.15
C LEU B 324 9.38 8.80 -39.11
N LYS B 325 9.85 10.04 -38.93
CA LYS B 325 10.88 10.36 -37.91
C LYS B 325 10.35 10.07 -36.50
N PHE B 326 9.14 10.51 -36.18
CA PHE B 326 8.52 10.27 -34.86
C PHE B 326 8.43 8.76 -34.59
N LYS B 327 7.90 8.02 -35.55
CA LYS B 327 7.69 6.55 -35.43
C LYS B 327 9.04 5.84 -35.23
N ASP B 328 10.06 6.21 -36.01
CA ASP B 328 11.42 5.63 -35.94
C ASP B 328 11.94 5.80 -34.52
N LEU B 329 11.83 7.00 -33.95
CA LEU B 329 12.33 7.28 -32.57
C LEU B 329 11.55 6.40 -31.58
N ILE B 330 10.24 6.35 -31.71
CA ILE B 330 9.37 5.57 -30.76
C ILE B 330 9.82 4.09 -30.80
N LEU B 331 10.05 3.53 -31.99
CA LEU B 331 10.45 2.11 -32.15
C LEU B 331 11.82 1.87 -31.52
N ARG B 332 12.72 2.86 -31.53
CA ARG B 332 14.04 2.80 -30.86
C ARG B 332 13.82 2.82 -29.34
N MET B 333 12.83 3.58 -28.87
CA MET B 333 12.46 3.65 -27.44
C MET B 333 11.77 2.34 -27.01
N LEU B 334 11.09 1.64 -27.93
CA LEU B 334 10.30 0.41 -27.63
C LEU B 334 11.05 -0.84 -28.10
N ASP B 335 12.36 -0.76 -28.31
CA ASP B 335 13.26 -1.92 -28.50
C ASP B 335 13.02 -2.90 -27.35
N TYR B 336 12.76 -4.17 -27.64
CA TYR B 336 12.63 -5.24 -26.60
C TYR B 336 13.92 -5.36 -25.80
N ASP B 337 15.07 -5.16 -26.45
CA ASP B 337 16.40 -5.42 -25.83
C ASP B 337 16.87 -4.17 -25.06
N PRO B 338 16.89 -4.20 -23.71
CA PRO B 338 17.31 -3.04 -22.93
C PRO B 338 18.76 -2.61 -23.20
N LYS B 339 19.59 -3.49 -23.79
CA LYS B 339 21.01 -3.19 -24.12
C LYS B 339 21.07 -2.35 -25.40
N THR B 340 20.17 -2.53 -26.34
CA THR B 340 20.19 -1.76 -27.63
C THR B 340 19.13 -0.65 -27.65
N ARG B 341 18.19 -0.62 -26.70
CA ARG B 341 17.15 0.44 -26.65
C ARG B 341 17.88 1.80 -26.64
N ILE B 342 17.35 2.78 -27.36
CA ILE B 342 18.01 4.11 -27.52
C ILE B 342 18.23 4.74 -26.14
N GLN B 343 19.40 5.35 -25.95
CA GLN B 343 19.77 6.03 -24.69
C GLN B 343 19.52 7.53 -24.88
N PRO B 344 19.30 8.26 -23.77
CA PRO B 344 18.91 9.68 -23.85
C PRO B 344 19.84 10.53 -24.71
N TYR B 345 21.16 10.34 -24.59
CA TYR B 345 22.13 11.15 -25.37
C TYR B 345 21.79 11.01 -26.87
N TYR B 346 21.54 9.78 -27.34
CA TYR B 346 21.35 9.48 -28.78
C TYR B 346 19.92 9.82 -29.19
N ALA B 347 18.96 9.68 -28.30
CA ALA B 347 17.57 10.12 -28.59
C ALA B 347 17.60 11.62 -28.96
N LEU B 348 18.35 12.44 -28.22
CA LEU B 348 18.39 13.91 -28.42
C LEU B 348 19.01 14.25 -29.78
N GLN B 349 19.82 13.36 -30.35
CA GLN B 349 20.52 13.58 -31.64
C GLN B 349 19.65 13.08 -32.81
N HIS B 350 18.45 12.59 -32.52
CA HIS B 350 17.58 11.94 -33.54
C HIS B 350 17.08 13.04 -34.49
N SER B 351 16.82 12.68 -35.76
CA SER B 351 16.36 13.63 -36.80
C SER B 351 15.03 14.27 -36.39
N PHE B 352 14.26 13.61 -35.54
CA PHE B 352 12.95 14.08 -35.04
C PHE B 352 13.11 15.46 -34.39
N PHE B 353 14.28 15.74 -33.82
CA PHE B 353 14.55 17.00 -33.08
C PHE B 353 15.31 18.01 -33.94
N ALA B 354 15.68 17.68 -35.18
CA ALA B 354 16.59 18.48 -36.05
C ALA B 354 16.14 19.94 -36.07
C1 RKW C . -10.79 -1.63 6.75
N1 RKW C . -10.34 -2.91 7.29
O1 RKW C . -12.69 -4.09 6.17
C2 RKW C . -10.31 -3.96 6.27
N2 RKW C . -11.52 -6.05 5.86
O2 RKW C . -20.08 -6.50 7.45
C3 RKW C . -11.63 -4.71 6.10
N3 RKW C . -12.10 -8.31 5.59
C4 RKW C . -12.53 -7.06 5.87
N4 RKW C . -12.54 -10.52 5.31
C5 RKW C . -13.01 -9.30 5.56
C6 RKW C . -14.36 -9.10 5.84
C7 RKW C . -14.81 -7.80 6.07
C8 RKW C . -13.87 -6.78 6.10
C9 RKW C . -16.24 -7.49 6.39
C10 RKW C . -17.19 -8.52 6.52
C11 RKW C . -18.49 -8.29 6.89
C12 RKW C . -18.84 -6.98 7.10
C13 RKW C . -19.94 -5.13 7.59
C14 RKW C . -18.70 -4.73 7.35
C15 RKW C . -17.95 -5.91 6.98
C16 RKW C . -16.64 -6.17 6.63
C1 RKW D . -0.84 11.11 -6.66
N1 RKW D . 0.34 10.24 -6.78
O1 RKW D . 1.77 12.64 -7.24
C2 RKW D . 1.57 10.57 -6.03
N2 RKW D . 3.41 12.19 -5.73
O2 RKW D . 2.39 20.72 -7.86
C3 RKW D . 2.26 11.89 -6.41
N3 RKW D . 5.47 13.20 -5.72
C4 RKW D . 4.15 13.36 -5.87
N4 RKW D . 7.61 14.04 -5.72
C5 RKW D . 6.29 14.26 -5.88
C6 RKW D . 5.79 15.53 -6.22
C7 RKW D . 4.42 15.71 -6.38
C8 RKW D . 3.60 14.60 -6.22
C9 RKW D . 3.89 17.06 -6.75
C10 RKW D . 4.73 18.18 -6.74
C11 RKW D . 4.33 19.45 -7.09
C12 RKW D . 3.02 19.57 -7.47
C13 RKW D . 1.08 20.36 -8.13
C14 RKW D . 0.88 19.06 -7.95
C15 RKW D . 2.12 18.50 -7.49
C16 RKW D . 2.56 17.23 -7.14
S DMS E . -1.99 2.70 -15.62
O DMS E . -0.53 2.49 -15.95
C1 DMS E . -2.46 1.41 -14.49
C2 DMS E . -2.08 4.09 -14.51
#